data_6SS8
#
_entry.id   6SS8
#
_cell.length_a   118.109
_cell.length_b   168.621
_cell.length_c   48.926
_cell.angle_alpha   90.000
_cell.angle_beta   90.000
_cell.angle_gamma   90.000
#
_symmetry.space_group_name_H-M   'P 21 21 2'
#
loop_
_entity.id
_entity.type
_entity.pdbx_description
1 polymer 'HLA class I histocompatibility antigen, A-2 alpha chain'
2 polymer Beta-2-microglobulin
3 polymer LEU-LEU-TRP-ASN-GLY-PRO-ILE-ALA-VAL
4 non-polymer GLYCEROL
5 non-polymer 1,2-ETHANEDIOL
6 non-polymer 'SULFATE ION'
7 non-polymer DI(HYDROXYETHYL)ETHER
8 non-polymer 1-ETHOXY-2-(2-ETHOXYETHOXY)ETHANE
9 water water
#
loop_
_entity_poly.entity_id
_entity_poly.type
_entity_poly.pdbx_seq_one_letter_code
_entity_poly.pdbx_strand_id
1 'polypeptide(L)'
;GSHSMRYFFTSVSRPGRGEPRFIAVGYVDDTQFVRFDSDAASQRMEPRAPWIEQEGPEYWDGETRKVKAHSQTHRVDLGT
LRGYYNQSEAGSHTVQRMYGCDVGSDWRFLRGYHQYAYDGKDYIALKEDLRSWTAADMAAQTTKHKWEAAHVAEQLRAYL
EGTCVEWLRRYLENGKETLQRTDAPKTHMTHHAVSDHEATLRCWALSFYPAEITLTWQRDGEDQTQDTELVETRPAGDGT
FQKWAAVVVPSGQEQRYTCHVQHEGLPKPLTLRWEP
;
A,D
2 'polypeptide(L)'
;MIQRTPKIQVYSRHPAENGKSNFLNCYVSGFHPSDIEVDLLKNGERIEKVEHSDLSFSKDWSFYLLYYTEFTPTEKDEYA
CRVNHVTLSQPKIVKWDRDM
;
B,E
3 'polypeptide(L)' LLWNGPIAV C,F
#
loop_
_chem_comp.id
_chem_comp.type
_chem_comp.name
_chem_comp.formula
EDO non-polymer 1,2-ETHANEDIOL 'C2 H6 O2'
GOL non-polymer GLYCEROL 'C3 H8 O3'
P4G non-polymer 1-ETHOXY-2-(2-ETHOXYETHOXY)ETHANE 'C8 H18 O3'
PEG non-polymer DI(HYDROXYETHYL)ETHER 'C4 H10 O3'
SO4 non-polymer 'SULFATE ION' 'O4 S -2'
#
# COMPACT_ATOMS: atom_id res chain seq x y z
N GLY A 1 -29.00 -6.80 -26.58
CA GLY A 1 -27.68 -6.75 -25.90
C GLY A 1 -27.88 -7.15 -24.45
N SER A 2 -26.75 -7.39 -23.76
CA SER A 2 -26.74 -7.80 -22.41
C SER A 2 -26.83 -6.55 -21.49
N HIS A 3 -27.31 -6.71 -20.24
CA HIS A 3 -27.51 -5.56 -19.31
C HIS A 3 -27.00 -5.94 -17.93
N SER A 4 -26.96 -4.94 -17.03
CA SER A 4 -26.43 -5.04 -15.70
C SER A 4 -27.15 -4.06 -14.78
N MET A 5 -27.33 -4.47 -13.50
CA MET A 5 -27.70 -3.55 -12.44
C MET A 5 -26.63 -3.69 -11.37
N ARG A 6 -25.99 -2.57 -11.04
CA ARG A 6 -24.87 -2.52 -10.12
C ARG A 6 -25.08 -1.42 -9.08
N TYR A 7 -24.77 -1.78 -7.83
CA TYR A 7 -24.75 -0.87 -6.72
C TYR A 7 -23.33 -0.77 -6.17
N PHE A 8 -22.94 0.44 -5.79
CA PHE A 8 -21.64 0.82 -5.36
C PHE A 8 -21.83 1.57 -4.02
N PHE A 9 -21.03 1.21 -2.98
CA PHE A 9 -21.09 1.80 -1.70
C PHE A 9 -19.68 2.16 -1.21
N THR A 10 -19.54 3.37 -0.62
CA THR A 10 -18.26 3.82 -0.10
C THR A 10 -18.45 4.37 1.31
N SER A 11 -17.62 3.90 2.26
CA SER A 11 -17.68 4.37 3.62
C SER A 11 -16.29 4.79 4.04
N VAL A 12 -16.15 5.99 4.58
CA VAL A 12 -14.90 6.53 4.96
C VAL A 12 -14.94 7.01 6.44
N SER A 13 -13.97 6.58 7.25
CA SER A 13 -13.91 7.03 8.66
C SER A 13 -13.33 8.45 8.77
N ARG A 14 -13.67 9.14 9.87
CA ARG A 14 -13.22 10.49 10.08
C ARG A 14 -12.64 10.58 11.50
N PRO A 15 -11.32 10.34 11.67
CA PRO A 15 -10.70 10.40 12.98
C PRO A 15 -10.98 11.74 13.68
N GLY A 16 -11.40 11.69 14.95
CA GLY A 16 -11.78 12.83 15.76
C GLY A 16 -12.99 13.62 15.24
N ARG A 17 -13.66 13.19 14.14
CA ARG A 17 -14.63 14.04 13.45
C ARG A 17 -15.99 13.31 13.27
N GLY A 18 -16.35 12.40 14.19
CA GLY A 18 -17.70 11.80 14.33
C GLY A 18 -18.01 10.67 13.35
N GLU A 19 -19.25 10.69 12.81
CA GLU A 19 -19.82 9.64 11.99
C GLU A 19 -19.07 9.56 10.65
N PRO A 20 -18.96 8.35 10.06
CA PRO A 20 -18.23 8.20 8.81
C PRO A 20 -19.11 8.66 7.64
N ARG A 21 -18.47 9.17 6.59
CA ARG A 21 -19.14 9.50 5.29
C ARG A 21 -19.65 8.17 4.69
N PHE A 22 -20.79 8.23 3.98
CA PHE A 22 -21.32 7.08 3.38
C PHE A 22 -22.10 7.49 2.12
N ILE A 23 -21.73 6.89 0.97
CA ILE A 23 -22.27 7.25 -0.31
C ILE A 23 -22.70 5.96 -1.01
N ALA A 24 -23.91 5.97 -1.58
CA ALA A 24 -24.45 4.85 -2.25
C ALA A 24 -25.06 5.30 -3.59
N VAL A 25 -24.83 4.48 -4.63
CA VAL A 25 -25.18 4.87 -5.99
C VAL A 25 -25.62 3.57 -6.67
N GLY A 26 -26.67 3.66 -7.48
CA GLY A 26 -27.10 2.56 -8.26
C GLY A 26 -27.11 2.89 -9.71
N TYR A 27 -26.80 1.87 -10.53
CA TYR A 27 -26.65 1.99 -11.96
C TYR A 27 -27.40 0.89 -12.71
N VAL A 28 -28.12 1.25 -13.77
CA VAL A 28 -28.47 0.33 -14.81
C VAL A 28 -27.51 0.63 -15.96
N ASP A 29 -26.76 -0.38 -16.42
CA ASP A 29 -25.70 -0.20 -17.43
C ASP A 29 -24.82 0.95 -16.98
N ASP A 30 -24.64 1.99 -17.81
CA ASP A 30 -23.84 3.13 -17.38
C ASP A 30 -24.73 4.32 -16.96
N THR A 31 -26.00 4.09 -16.59
CA THR A 31 -26.95 5.16 -16.22
C THR A 31 -27.20 5.13 -14.71
N GLN A 32 -26.83 6.19 -13.99
CA GLN A 32 -27.10 6.32 -12.57
C GLN A 32 -28.60 6.54 -12.35
N PHE A 33 -29.24 5.77 -11.45
CA PHE A 33 -30.72 5.97 -11.22
C PHE A 33 -31.08 6.27 -9.75
N VAL A 34 -30.22 5.96 -8.78
CA VAL A 34 -30.50 6.36 -7.40
C VAL A 34 -29.21 6.72 -6.71
N ARG A 35 -29.32 7.51 -5.65
CA ARG A 35 -28.19 7.82 -4.78
C ARG A 35 -28.63 8.08 -3.34
N PHE A 36 -27.67 7.91 -2.44
CA PHE A 36 -27.78 8.31 -1.10
C PHE A 36 -26.43 8.87 -0.68
N ASP A 37 -26.44 10.03 -0.03
CA ASP A 37 -25.20 10.63 0.53
C ASP A 37 -25.52 11.10 1.95
N SER A 38 -24.76 10.61 2.94
CA SER A 38 -24.90 10.98 4.31
C SER A 38 -24.64 12.49 4.54
N ASP A 39 -23.90 13.17 3.65
CA ASP A 39 -23.63 14.61 3.80
C ASP A 39 -24.80 15.47 3.23
N ALA A 40 -25.77 14.86 2.55
CA ALA A 40 -26.89 15.58 1.84
C ALA A 40 -28.06 15.85 2.80
N ALA A 41 -29.05 16.63 2.34
CA ALA A 41 -30.04 17.22 3.21
C ALA A 41 -31.20 16.28 3.49
N SER A 42 -31.59 15.46 2.50
CA SER A 42 -32.84 14.65 2.56
C SER A 42 -32.69 13.52 3.60
N GLN A 43 -31.51 12.89 3.67
CA GLN A 43 -31.27 11.65 4.48
C GLN A 43 -32.22 10.54 4.00
N ARG A 44 -32.59 10.59 2.71
CA ARG A 44 -33.40 9.60 2.02
C ARG A 44 -32.68 9.15 0.73
N MET A 45 -33.05 7.96 0.24
CA MET A 45 -32.67 7.54 -1.11
C MET A 45 -33.39 8.46 -2.10
N GLU A 46 -32.65 8.97 -3.09
CA GLU A 46 -33.12 10.02 -4.02
C GLU A 46 -33.09 9.48 -5.44
N PRO A 47 -34.05 9.87 -6.32
CA PRO A 47 -33.98 9.54 -7.73
C PRO A 47 -32.96 10.40 -8.51
N ARG A 48 -32.42 9.84 -9.58
CA ARG A 48 -31.43 10.46 -10.45
C ARG A 48 -31.73 10.17 -11.93
N ALA A 49 -32.90 9.63 -12.26
CA ALA A 49 -33.27 9.40 -13.59
C ALA A 49 -34.79 9.41 -13.69
N PRO A 50 -35.38 9.95 -14.77
CA PRO A 50 -36.82 10.19 -14.83
C PRO A 50 -37.67 8.92 -14.62
N TRP A 51 -37.30 7.81 -15.26
CA TRP A 51 -38.12 6.59 -15.24
C TRP A 51 -38.31 6.00 -13.83
N ILE A 52 -37.34 6.15 -12.92
CA ILE A 52 -37.43 5.64 -11.53
C ILE A 52 -38.35 6.53 -10.67
N GLU A 53 -38.43 7.83 -10.99
CA GLU A 53 -39.32 8.82 -10.32
C GLU A 53 -40.81 8.41 -10.35
N GLN A 54 -41.22 7.38 -11.09
CA GLN A 54 -42.65 6.96 -11.10
C GLN A 54 -42.93 5.82 -10.09
N GLU A 55 -41.95 5.42 -9.25
CA GLU A 55 -42.21 4.42 -8.18
C GLU A 55 -42.83 5.13 -6.97
N GLY A 56 -43.72 4.43 -6.24
CA GLY A 56 -44.58 5.01 -5.18
C GLY A 56 -43.86 5.19 -3.83
N PRO A 57 -44.57 5.73 -2.81
CA PRO A 57 -43.94 5.98 -1.51
C PRO A 57 -43.37 4.70 -0.90
N GLU A 58 -43.96 3.56 -1.25
CA GLU A 58 -43.53 2.24 -0.79
C GLU A 58 -42.08 1.99 -1.17
N TYR A 59 -41.74 2.22 -2.45
CA TYR A 59 -40.42 1.92 -3.01
C TYR A 59 -39.39 2.79 -2.28
N TRP A 60 -39.70 4.09 -2.17
CA TRP A 60 -38.77 5.04 -1.59
C TRP A 60 -38.56 4.79 -0.09
N ASP A 61 -39.64 4.52 0.65
CA ASP A 61 -39.57 4.31 2.12
C ASP A 61 -38.64 3.10 2.38
N GLY A 62 -38.85 2.02 1.62
CA GLY A 62 -38.14 0.75 1.81
C GLY A 62 -36.69 0.83 1.38
N GLU A 63 -36.44 1.56 0.27
CA GLU A 63 -35.11 1.71 -0.21
C GLU A 63 -34.36 2.57 0.80
N THR A 64 -35.04 3.58 1.37
CA THR A 64 -34.43 4.38 2.43
C THR A 64 -34.07 3.50 3.64
N ARG A 65 -35.03 2.72 4.14
CA ARG A 65 -34.79 1.76 5.24
C ARG A 65 -33.52 0.94 4.94
N LYS A 66 -33.46 0.31 3.76
CA LYS A 66 -32.38 -0.66 3.44
C LYS A 66 -31.04 0.04 3.22
N VAL A 67 -31.08 1.26 2.67
CA VAL A 67 -29.83 1.96 2.47
C VAL A 67 -29.30 2.41 3.85
N LYS A 68 -30.18 2.77 4.79
CA LYS A 68 -29.72 3.09 6.15
C LYS A 68 -29.11 1.84 6.86
N ALA A 69 -29.67 0.65 6.60
CA ALA A 69 -29.13 -0.60 7.15
C ALA A 69 -27.72 -0.88 6.58
N HIS A 70 -27.47 -0.55 5.30
CA HIS A 70 -26.14 -0.71 4.69
C HIS A 70 -25.15 0.20 5.45
N SER A 71 -25.54 1.48 5.57
CA SER A 71 -24.79 2.50 6.27
C SER A 71 -24.41 2.04 7.67
N GLN A 72 -25.37 1.49 8.41
CA GLN A 72 -25.11 1.01 9.80
C GLN A 72 -24.16 -0.21 9.79
N THR A 73 -24.32 -1.16 8.86
CA THR A 73 -23.40 -2.28 8.72
C THR A 73 -21.96 -1.78 8.47
N HIS A 74 -21.84 -0.86 7.53
CA HIS A 74 -20.56 -0.23 7.21
C HIS A 74 -20.00 0.56 8.39
N ARG A 75 -20.87 1.21 9.16
CA ARG A 75 -20.44 1.92 10.40
C ARG A 75 -19.75 0.91 11.34
N VAL A 76 -20.36 -0.22 11.63
CA VAL A 76 -19.80 -1.31 12.48
C VAL A 76 -18.53 -1.91 11.84
N ASP A 77 -18.54 -2.11 10.52
CA ASP A 77 -17.39 -2.70 9.78
C ASP A 77 -16.09 -1.90 10.00
N LEU A 78 -16.16 -0.55 9.97
CA LEU A 78 -14.94 0.27 10.12
C LEU A 78 -14.31 0.10 11.51
N GLY A 79 -15.16 -0.01 12.57
CA GLY A 79 -14.68 -0.35 13.89
C GLY A 79 -14.08 -1.74 13.93
N THR A 80 -14.79 -2.70 13.35
CA THR A 80 -14.30 -4.08 13.39
C THR A 80 -12.95 -4.17 12.65
N LEU A 81 -12.83 -3.56 11.49
CA LEU A 81 -11.62 -3.81 10.70
C LEU A 81 -10.42 -3.07 11.31
N ARG A 82 -10.67 -1.95 12.03
CA ARG A 82 -9.67 -1.26 12.84
C ARG A 82 -9.11 -2.17 13.95
N GLY A 83 -10.01 -2.83 14.72
CA GLY A 83 -9.68 -3.91 15.60
C GLY A 83 -8.89 -5.02 14.91
N TYR A 84 -9.42 -5.62 13.82
CA TYR A 84 -8.75 -6.81 13.22
C TYR A 84 -7.27 -6.51 12.88
N TYR A 85 -6.99 -5.31 12.35
CA TYR A 85 -5.66 -4.99 11.89
C TYR A 85 -4.89 -4.15 12.92
N ASN A 86 -5.51 -3.85 14.06
CA ASN A 86 -4.97 -3.05 15.20
C ASN A 86 -4.42 -1.70 14.74
N GLN A 87 -5.12 -0.98 13.87
CA GLN A 87 -4.70 0.31 13.40
C GLN A 87 -5.11 1.37 14.43
N SER A 88 -4.33 2.45 14.55
CA SER A 88 -4.63 3.52 15.47
C SER A 88 -5.93 4.26 15.05
N GLU A 89 -6.43 5.07 15.99
CA GLU A 89 -7.60 5.92 15.91
C GLU A 89 -7.30 7.16 15.06
N ALA A 90 -6.03 7.37 14.78
CA ALA A 90 -5.52 8.55 14.15
C ALA A 90 -5.82 8.61 12.65
N GLY A 91 -5.91 7.48 11.95
CA GLY A 91 -5.98 7.49 10.46
C GLY A 91 -7.40 7.30 9.97
N SER A 92 -7.69 7.85 8.80
CA SER A 92 -8.87 7.54 8.00
C SER A 92 -8.67 6.25 7.20
N HIS A 93 -9.73 5.42 7.15
CA HIS A 93 -9.83 4.13 6.41
C HIS A 93 -11.12 4.04 5.62
N THR A 94 -11.11 3.16 4.64
CA THR A 94 -12.13 3.20 3.64
C THR A 94 -12.60 1.78 3.38
N VAL A 95 -13.91 1.61 3.33
CA VAL A 95 -14.49 0.38 2.90
C VAL A 95 -15.24 0.65 1.61
N GLN A 96 -15.20 -0.33 0.67
CA GLN A 96 -15.97 -0.27 -0.56
C GLN A 96 -16.65 -1.60 -0.83
N ARG A 97 -17.84 -1.52 -1.43
CA ARG A 97 -18.65 -2.66 -1.71
C ARG A 97 -19.38 -2.44 -3.03
N MET A 98 -19.38 -3.48 -3.87
CA MET A 98 -20.07 -3.59 -5.12
C MET A 98 -20.78 -4.97 -5.22
N TYR A 99 -22.04 -4.93 -5.64
CA TYR A 99 -22.78 -6.12 -5.96
C TYR A 99 -23.72 -5.82 -7.12
N GLY A 100 -24.10 -6.89 -7.82
CA GLY A 100 -24.94 -6.73 -8.96
C GLY A 100 -25.13 -8.05 -9.70
N CYS A 101 -25.96 -7.97 -10.73
CA CYS A 101 -26.25 -9.08 -11.59
C CYS A 101 -26.15 -8.61 -13.06
N ASP A 102 -25.80 -9.54 -13.94
CA ASP A 102 -25.84 -9.38 -15.40
C ASP A 102 -26.92 -10.31 -15.98
N VAL A 103 -27.63 -9.84 -17.02
CA VAL A 103 -28.49 -10.67 -17.87
C VAL A 103 -28.01 -10.60 -19.33
N GLY A 104 -28.32 -11.64 -20.12
CA GLY A 104 -28.04 -11.68 -21.56
C GLY A 104 -29.13 -11.01 -22.38
N SER A 105 -29.10 -11.24 -23.70
CA SER A 105 -30.01 -10.65 -24.73
C SER A 105 -31.48 -10.93 -24.43
N ASP A 106 -31.74 -12.11 -23.87
CA ASP A 106 -33.07 -12.60 -23.49
C ASP A 106 -33.50 -12.08 -22.10
N TRP A 107 -32.60 -11.39 -21.36
CA TRP A 107 -32.85 -10.87 -19.97
C TRP A 107 -32.89 -12.02 -18.92
N ARG A 108 -32.30 -13.17 -19.28
CA ARG A 108 -32.14 -14.29 -18.35
C ARG A 108 -30.84 -14.07 -17.58
N PHE A 109 -30.77 -14.62 -16.37
CA PHE A 109 -29.61 -14.41 -15.52
C PHE A 109 -28.38 -15.04 -16.19
N LEU A 110 -27.23 -14.35 -16.04
CA LEU A 110 -25.97 -14.65 -16.70
C LEU A 110 -24.82 -14.77 -15.68
N ARG A 111 -24.68 -13.78 -14.79
CA ARG A 111 -23.68 -13.85 -13.72
C ARG A 111 -24.10 -12.86 -12.61
N GLY A 112 -23.57 -13.06 -11.40
CA GLY A 112 -23.74 -12.16 -10.27
C GLY A 112 -22.45 -12.03 -9.47
N TYR A 113 -22.35 -10.95 -8.67
CA TYR A 113 -21.11 -10.70 -8.03
C TYR A 113 -21.33 -9.92 -6.71
N HIS A 114 -20.39 -10.10 -5.80
CA HIS A 114 -20.32 -9.30 -4.62
C HIS A 114 -18.85 -9.25 -4.17
N GLN A 115 -18.30 -8.03 -4.17
CA GLN A 115 -16.92 -7.76 -3.88
C GLN A 115 -16.86 -6.76 -2.73
N TYR A 116 -15.87 -6.91 -1.85
CA TYR A 116 -15.68 -6.03 -0.70
C TYR A 116 -14.16 -5.75 -0.57
N ALA A 117 -13.81 -4.45 -0.42
CA ALA A 117 -12.44 -4.03 -0.29
C ALA A 117 -12.31 -3.17 0.98
N TYR A 118 -11.11 -3.19 1.56
CA TYR A 118 -10.69 -2.31 2.63
C TYR A 118 -9.36 -1.66 2.20
N ASP A 119 -9.34 -0.30 2.26
CA ASP A 119 -8.20 0.50 2.13
C ASP A 119 -7.67 0.30 0.68
N GLY A 120 -8.60 0.12 -0.26
CA GLY A 120 -8.24 0.08 -1.64
C GLY A 120 -7.83 -1.29 -2.21
N LYS A 121 -7.84 -2.37 -1.43
CA LYS A 121 -7.59 -3.74 -1.94
C LYS A 121 -8.69 -4.74 -1.55
N ASP A 122 -8.81 -5.78 -2.38
CA ASP A 122 -9.66 -6.96 -2.13
C ASP A 122 -9.51 -7.36 -0.64
N TYR A 123 -10.67 -7.54 0.04
CA TYR A 123 -10.80 -8.18 1.36
C TYR A 123 -11.48 -9.55 1.23
N ILE A 124 -12.70 -9.58 0.73
CA ILE A 124 -13.44 -10.82 0.59
C ILE A 124 -14.35 -10.67 -0.63
N ALA A 125 -14.57 -11.75 -1.37
CA ALA A 125 -15.40 -11.74 -2.55
C ALA A 125 -16.15 -13.05 -2.66
N LEU A 126 -17.36 -12.96 -3.19
CA LEU A 126 -18.13 -14.11 -3.60
C LEU A 126 -17.54 -14.67 -4.90
N LYS A 127 -17.33 -15.97 -4.97
CA LYS A 127 -16.86 -16.62 -6.19
C LYS A 127 -18.01 -16.78 -7.18
N GLU A 128 -17.64 -17.30 -8.37
CA GLU A 128 -18.46 -17.37 -9.57
C GLU A 128 -19.78 -18.09 -9.27
N ASP A 129 -19.70 -19.28 -8.65
CA ASP A 129 -20.83 -20.17 -8.32
C ASP A 129 -21.76 -19.62 -7.21
N LEU A 130 -21.37 -18.56 -6.51
CA LEU A 130 -22.28 -17.84 -5.59
C LEU A 130 -22.59 -18.71 -4.36
N ARG A 131 -21.66 -19.63 -4.09
CA ARG A 131 -21.80 -20.63 -3.06
C ARG A 131 -20.66 -20.50 -2.04
N SER A 132 -19.59 -19.75 -2.35
CA SER A 132 -18.46 -19.65 -1.41
C SER A 132 -17.64 -18.36 -1.66
N TRP A 133 -16.70 -18.13 -0.74
CA TRP A 133 -16.01 -16.91 -0.54
C TRP A 133 -14.51 -17.07 -0.81
N THR A 134 -13.87 -16.00 -1.32
CA THR A 134 -12.42 -15.85 -1.40
C THR A 134 -11.99 -14.71 -0.47
N ALA A 135 -11.11 -15.06 0.48
CA ALA A 135 -10.66 -14.18 1.51
C ALA A 135 -9.17 -13.90 1.28
N ALA A 136 -8.75 -12.65 1.41
CA ALA A 136 -7.41 -12.24 0.93
C ALA A 136 -6.31 -12.54 1.96
N ASP A 137 -6.63 -12.55 3.26
CA ASP A 137 -5.64 -12.66 4.36
C ASP A 137 -6.32 -13.30 5.59
N MET A 138 -5.54 -13.48 6.66
CA MET A 138 -5.96 -14.12 7.93
C MET A 138 -7.11 -13.29 8.59
N ALA A 139 -7.14 -11.97 8.42
CA ALA A 139 -8.22 -11.21 9.04
C ALA A 139 -9.56 -11.48 8.31
N ALA A 140 -9.50 -11.52 6.97
CA ALA A 140 -10.68 -11.79 6.15
C ALA A 140 -11.17 -13.25 6.31
N GLN A 141 -10.32 -14.15 6.84
CA GLN A 141 -10.75 -15.59 7.11
C GLN A 141 -11.75 -15.63 8.26
N THR A 142 -11.45 -14.88 9.33
CA THR A 142 -12.38 -14.60 10.40
C THR A 142 -13.75 -14.25 9.79
N THR A 143 -13.81 -13.28 8.85
CA THR A 143 -15.08 -12.88 8.26
C THR A 143 -15.75 -14.04 7.51
N LYS A 144 -14.97 -14.78 6.74
CA LYS A 144 -15.46 -15.84 5.88
C LYS A 144 -16.17 -16.90 6.73
N HIS A 145 -15.56 -17.27 7.85
CA HIS A 145 -16.14 -18.30 8.77
C HIS A 145 -17.46 -17.80 9.34
N LYS A 146 -17.52 -16.52 9.74
CA LYS A 146 -18.74 -15.90 10.32
C LYS A 146 -19.85 -15.88 9.26
N TRP A 147 -19.50 -15.61 8.00
CA TRP A 147 -20.46 -15.51 6.90
C TRP A 147 -20.89 -16.88 6.40
N GLU A 148 -20.09 -17.93 6.66
CA GLU A 148 -20.48 -19.33 6.35
C GLU A 148 -21.48 -19.85 7.41
N ALA A 149 -21.21 -19.45 8.67
CA ALA A 149 -21.98 -19.81 9.87
C ALA A 149 -23.37 -19.17 9.84
N ALA A 150 -23.51 -18.05 9.14
CA ALA A 150 -24.77 -17.29 8.99
C ALA A 150 -25.46 -17.58 7.65
N HIS A 151 -24.88 -18.50 6.85
CA HIS A 151 -25.36 -18.83 5.50
C HIS A 151 -25.75 -17.57 4.73
N VAL A 152 -24.81 -16.62 4.69
CA VAL A 152 -24.93 -15.36 3.97
C VAL A 152 -24.91 -15.63 2.46
N ALA A 153 -24.04 -16.54 1.97
CA ALA A 153 -23.95 -16.82 0.52
C ALA A 153 -25.34 -17.20 -0.02
N GLU A 154 -26.05 -18.03 0.72
CA GLU A 154 -27.31 -18.57 0.25
C GLU A 154 -28.31 -17.44 -0.04
N GLN A 155 -28.39 -16.43 0.84
CA GLN A 155 -29.48 -15.44 0.73
C GLN A 155 -29.06 -14.32 -0.22
N LEU A 156 -27.75 -14.06 -0.23
CA LEU A 156 -27.13 -13.21 -1.23
C LEU A 156 -27.38 -13.79 -2.63
N ARG A 157 -27.21 -15.11 -2.77
CA ARG A 157 -27.43 -15.78 -4.04
C ARG A 157 -28.92 -15.67 -4.42
N ALA A 158 -29.82 -15.80 -3.43
CA ALA A 158 -31.26 -15.69 -3.72
C ALA A 158 -31.58 -14.33 -4.35
N TYR A 159 -30.96 -13.25 -3.84
CA TYR A 159 -31.12 -11.88 -4.33
C TYR A 159 -30.55 -11.70 -5.76
N LEU A 160 -29.26 -12.05 -5.94
CA LEU A 160 -28.51 -11.93 -7.22
C LEU A 160 -29.18 -12.69 -8.37
N GLU A 161 -29.72 -13.87 -8.08
CA GLU A 161 -30.30 -14.78 -9.11
C GLU A 161 -31.80 -14.51 -9.32
N GLY A 162 -32.48 -13.95 -8.31
CA GLY A 162 -33.92 -13.67 -8.37
C GLY A 162 -34.22 -12.18 -8.41
N THR A 163 -34.20 -11.55 -7.23
CA THR A 163 -34.64 -10.17 -7.01
C THR A 163 -33.93 -9.20 -7.95
N CYS A 164 -32.59 -9.27 -7.99
CA CYS A 164 -31.78 -8.38 -8.76
C CYS A 164 -32.26 -8.40 -10.21
N VAL A 165 -32.42 -9.61 -10.78
CA VAL A 165 -32.80 -9.80 -12.19
C VAL A 165 -34.25 -9.32 -12.41
N GLU A 166 -35.10 -9.55 -11.42
CA GLU A 166 -36.53 -9.25 -11.58
C GLU A 166 -36.75 -7.74 -11.65
N TRP A 167 -36.02 -6.99 -10.80
CA TRP A 167 -36.12 -5.53 -10.78
C TRP A 167 -35.36 -4.91 -11.97
N LEU A 168 -34.25 -5.51 -12.39
CA LEU A 168 -33.54 -5.08 -13.62
C LEU A 168 -34.51 -5.09 -14.81
N ARG A 169 -35.24 -6.18 -14.97
CA ARG A 169 -36.17 -6.33 -16.11
C ARG A 169 -37.21 -5.19 -16.09
N ARG A 170 -37.67 -4.81 -14.89
CA ARG A 170 -38.77 -3.86 -14.69
C ARG A 170 -38.26 -2.45 -15.02
N TYR A 171 -37.08 -2.10 -14.46
CA TYR A 171 -36.38 -0.89 -14.80
C TYR A 171 -36.13 -0.82 -16.31
N LEU A 172 -35.65 -1.90 -16.94
CA LEU A 172 -35.48 -1.93 -18.45
C LEU A 172 -36.79 -1.57 -19.16
N GLU A 173 -37.91 -2.11 -18.67
CA GLU A 173 -39.23 -2.00 -19.30
C GLU A 173 -39.78 -0.56 -19.11
N ASN A 174 -39.67 -0.03 -17.88
CA ASN A 174 -40.17 1.33 -17.54
C ASN A 174 -39.33 2.44 -18.22
N GLY A 175 -38.01 2.29 -18.24
CA GLY A 175 -37.11 3.31 -18.80
C GLY A 175 -36.60 2.97 -20.19
N LYS A 176 -37.43 2.29 -20.99
CA LYS A 176 -36.94 1.60 -22.21
C LYS A 176 -36.45 2.58 -23.28
N GLU A 177 -37.05 3.78 -23.36
CA GLU A 177 -36.62 4.73 -24.40
C GLU A 177 -35.29 5.40 -24.02
N THR A 178 -34.68 5.00 -22.90
CA THR A 178 -33.37 5.55 -22.52
C THR A 178 -32.42 4.50 -21.93
N LEU A 179 -32.90 3.30 -21.59
CA LEU A 179 -31.96 2.27 -21.19
C LEU A 179 -31.71 1.30 -22.36
N GLN A 180 -32.70 1.13 -23.24
CA GLN A 180 -32.63 0.07 -24.20
C GLN A 180 -32.06 0.58 -25.52
N ARG A 181 -31.53 1.80 -25.59
CA ARG A 181 -30.96 2.30 -26.85
C ARG A 181 -29.43 2.35 -26.72
N THR A 182 -28.74 2.01 -27.81
CA THR A 182 -27.32 2.24 -27.97
C THR A 182 -27.15 3.45 -28.89
N ASP A 183 -26.29 4.37 -28.46
CA ASP A 183 -25.94 5.52 -29.31
C ASP A 183 -24.59 5.24 -29.95
N ALA A 184 -24.63 5.03 -31.27
CA ALA A 184 -23.49 4.92 -32.15
C ALA A 184 -22.57 6.10 -31.96
N PRO A 185 -21.25 5.88 -31.86
CA PRO A 185 -20.32 6.98 -31.77
C PRO A 185 -20.35 7.81 -33.06
N LYS A 186 -20.38 9.15 -32.91
CA LYS A 186 -20.04 10.11 -33.96
C LYS A 186 -18.53 10.19 -34.07
N THR A 187 -18.00 9.92 -35.25
CA THR A 187 -16.59 9.85 -35.46
C THR A 187 -16.13 10.97 -36.40
N HIS A 188 -14.90 11.45 -36.18
CA HIS A 188 -14.13 12.26 -37.16
C HIS A 188 -12.63 12.15 -36.83
N MET A 189 -11.83 12.45 -37.83
CA MET A 189 -10.41 12.41 -37.69
C MET A 189 -9.91 13.84 -37.88
N THR A 190 -8.92 14.25 -37.05
CA THR A 190 -8.21 15.52 -37.29
C THR A 190 -6.77 15.19 -37.70
N HIS A 191 -6.26 16.10 -38.52
CA HIS A 191 -4.90 16.19 -38.99
C HIS A 191 -4.31 17.56 -38.62
N HIS A 192 -3.16 17.52 -37.97
CA HIS A 192 -2.48 18.67 -37.47
C HIS A 192 -0.99 18.46 -37.71
N ALA A 193 -0.44 19.24 -38.66
CA ALA A 193 0.96 19.15 -39.01
C ALA A 193 1.76 19.64 -37.80
N VAL A 194 2.85 18.93 -37.44
CA VAL A 194 3.75 19.41 -36.39
C VAL A 194 5.05 19.97 -36.99
N SER A 195 5.54 19.37 -38.08
CA SER A 195 6.65 19.93 -38.81
C SER A 195 6.48 19.68 -40.32
N ASP A 196 7.59 19.55 -41.03
CA ASP A 196 7.63 19.27 -42.46
C ASP A 196 7.93 17.78 -42.70
N HIS A 197 8.17 17.02 -41.62
CA HIS A 197 8.41 15.58 -41.74
C HIS A 197 7.40 14.80 -40.88
N GLU A 198 6.53 15.50 -40.13
CA GLU A 198 5.63 14.83 -39.17
C GLU A 198 4.28 15.52 -39.08
N ALA A 199 3.24 14.69 -38.92
CA ALA A 199 1.88 15.12 -38.59
C ALA A 199 1.27 14.21 -37.54
N THR A 200 0.30 14.77 -36.81
CA THR A 200 -0.55 14.10 -35.81
C THR A 200 -1.90 13.76 -36.44
N LEU A 201 -2.26 12.49 -36.40
CA LEU A 201 -3.64 12.12 -36.70
C LEU A 201 -4.38 11.83 -35.38
N ARG A 202 -5.59 12.37 -35.24
CA ARG A 202 -6.38 12.12 -34.02
C ARG A 202 -7.78 11.68 -34.42
N CYS A 203 -8.14 10.50 -33.90
CA CYS A 203 -9.39 9.85 -34.10
C CYS A 203 -10.31 10.15 -32.90
N TRP A 204 -11.53 10.64 -33.19
CA TRP A 204 -12.52 11.04 -32.22
C TRP A 204 -13.74 10.12 -32.25
N ALA A 205 -14.20 9.71 -31.05
CA ALA A 205 -15.55 9.17 -30.84
C ALA A 205 -16.29 10.03 -29.80
N LEU A 206 -17.50 10.50 -30.17
CA LEU A 206 -18.31 11.42 -29.33
C LEU A 206 -19.75 10.91 -29.23
N SER A 207 -20.45 11.31 -28.16
CA SER A 207 -21.94 11.04 -27.96
C SER A 207 -22.29 9.55 -28.02
N PHE A 208 -21.45 8.68 -27.47
CA PHE A 208 -21.75 7.29 -27.49
C PHE A 208 -22.20 6.80 -26.11
N TYR A 209 -22.97 5.71 -26.13
CA TYR A 209 -23.52 4.98 -25.02
C TYR A 209 -23.85 3.58 -25.49
N PRO A 210 -23.37 2.57 -24.77
CA PRO A 210 -22.70 2.68 -23.49
C PRO A 210 -21.21 3.10 -23.59
N ALA A 211 -20.54 3.18 -22.44
CA ALA A 211 -19.17 3.66 -22.38
C ALA A 211 -18.17 2.67 -23.01
N GLU A 212 -18.46 1.38 -23.06
CA GLU A 212 -17.46 0.40 -23.57
C GLU A 212 -17.20 0.71 -25.06
N ILE A 213 -15.92 0.98 -25.39
CA ILE A 213 -15.46 1.27 -26.78
C ILE A 213 -14.01 0.82 -26.90
N THR A 214 -13.58 0.58 -28.15
CA THR A 214 -12.17 0.31 -28.52
C THR A 214 -11.81 1.18 -29.77
N LEU A 215 -10.75 1.98 -29.62
CA LEU A 215 -10.15 2.75 -30.67
C LEU A 215 -8.73 2.21 -30.84
N THR A 216 -8.41 1.63 -32.00
CA THR A 216 -7.03 1.15 -32.26
C THR A 216 -6.52 1.76 -33.58
N TRP A 217 -5.23 2.11 -33.58
CA TRP A 217 -4.55 2.61 -34.74
C TRP A 217 -3.82 1.42 -35.40
N GLN A 218 -3.96 1.27 -36.72
CA GLN A 218 -3.18 0.30 -37.46
C GLN A 218 -2.40 0.99 -38.59
N ARG A 219 -1.26 0.38 -38.97
CA ARG A 219 -0.39 0.85 -40.07
C ARG A 219 -0.17 -0.33 -41.03
N ASP A 220 -0.84 -0.32 -42.19
CA ASP A 220 -0.85 -1.45 -43.13
C ASP A 220 -1.47 -2.69 -42.47
N GLY A 221 -2.57 -2.48 -41.73
CA GLY A 221 -3.30 -3.52 -41.04
C GLY A 221 -2.54 -4.21 -39.92
N GLU A 222 -1.49 -3.56 -39.39
CA GLU A 222 -0.66 -4.09 -38.26
C GLU A 222 -0.84 -3.18 -37.04
N ASP A 223 -1.17 -3.79 -35.88
CA ASP A 223 -1.40 -3.08 -34.60
C ASP A 223 -0.30 -2.02 -34.42
N GLN A 224 -0.64 -0.91 -33.76
CA GLN A 224 0.29 0.17 -33.57
C GLN A 224 0.02 0.89 -32.24
N THR A 225 0.67 0.44 -31.15
CA THR A 225 0.78 1.22 -29.87
C THR A 225 2.20 1.78 -29.66
N GLN A 226 3.06 1.70 -30.68
CA GLN A 226 4.24 2.56 -30.76
C GLN A 226 3.76 3.97 -31.17
N ASP A 227 3.95 4.93 -30.28
CA ASP A 227 3.72 6.36 -30.52
C ASP A 227 2.21 6.65 -30.73
N THR A 228 1.37 5.73 -30.23
CA THR A 228 -0.04 6.03 -29.93
C THR A 228 -0.11 6.97 -28.71
N GLU A 229 -1.20 7.72 -28.60
CA GLU A 229 -1.64 8.40 -27.38
C GLU A 229 -3.16 8.19 -27.27
N LEU A 230 -3.59 7.57 -26.15
CA LEU A 230 -4.95 7.11 -25.88
C LEU A 230 -5.39 7.76 -24.55
N VAL A 231 -6.52 8.48 -24.52
CA VAL A 231 -7.11 8.94 -23.23
C VAL A 231 -8.17 7.94 -22.75
N GLU A 232 -8.41 7.98 -21.44
CA GLU A 232 -9.44 7.19 -20.78
C GLU A 232 -10.81 7.69 -21.27
N THR A 233 -11.72 6.76 -21.52
CA THR A 233 -13.10 7.09 -21.81
C THR A 233 -13.63 7.98 -20.68
N ARG A 234 -14.25 9.10 -21.06
CA ARG A 234 -14.66 10.12 -20.13
C ARG A 234 -16.15 10.47 -20.38
N PRO A 235 -16.88 10.86 -19.31
CA PRO A 235 -18.28 11.28 -19.46
C PRO A 235 -18.43 12.69 -20.03
N ALA A 236 -19.37 12.87 -20.95
CA ALA A 236 -19.73 14.20 -21.46
C ALA A 236 -20.46 15.04 -20.40
N GLY A 237 -21.29 14.39 -19.59
CA GLY A 237 -22.09 15.05 -18.55
C GLY A 237 -23.58 15.05 -18.89
N ASP A 238 -23.95 14.56 -20.10
CA ASP A 238 -25.38 14.47 -20.57
C ASP A 238 -25.84 13.00 -20.73
N GLY A 239 -25.09 12.05 -20.16
CA GLY A 239 -25.37 10.64 -20.31
C GLY A 239 -24.54 9.96 -21.41
N THR A 240 -23.85 10.70 -22.28
CA THR A 240 -23.04 10.07 -23.34
C THR A 240 -21.56 10.12 -22.93
N PHE A 241 -20.75 9.39 -23.70
CA PHE A 241 -19.30 9.28 -23.43
C PHE A 241 -18.47 9.76 -24.65
N GLN A 242 -17.17 10.02 -24.39
CA GLN A 242 -16.20 10.57 -25.34
C GLN A 242 -14.87 9.83 -25.19
N LYS A 243 -14.08 9.84 -26.27
CA LYS A 243 -12.75 9.27 -26.27
C LYS A 243 -12.04 9.63 -27.59
N TRP A 244 -10.72 9.76 -27.53
CA TRP A 244 -9.87 9.97 -28.69
C TRP A 244 -8.60 9.14 -28.55
N ALA A 245 -7.99 8.93 -29.73
CA ALA A 245 -6.67 8.28 -29.86
C ALA A 245 -5.93 8.93 -31.03
N ALA A 246 -4.64 9.13 -30.80
CA ALA A 246 -3.82 9.93 -31.61
C ALA A 246 -2.53 9.17 -31.96
N VAL A 247 -2.06 9.40 -33.18
CA VAL A 247 -0.80 8.83 -33.61
C VAL A 247 0.00 9.88 -34.40
N VAL A 248 1.32 9.87 -34.25
CA VAL A 248 2.16 10.85 -35.02
C VAL A 248 2.92 10.11 -36.14
N VAL A 249 2.78 10.62 -37.38
CA VAL A 249 3.11 9.92 -38.59
C VAL A 249 4.04 10.76 -39.44
N PRO A 250 4.89 10.13 -40.29
CA PRO A 250 5.57 10.83 -41.37
C PRO A 250 4.55 11.52 -42.30
N SER A 251 4.86 12.76 -42.68
CA SER A 251 4.12 13.51 -43.69
C SER A 251 4.24 12.77 -45.03
N GLY A 252 3.14 12.78 -45.79
CA GLY A 252 3.05 12.03 -47.04
C GLY A 252 2.68 10.58 -46.80
N GLN A 253 2.53 10.16 -45.54
CA GLN A 253 2.28 8.72 -45.23
C GLN A 253 0.98 8.53 -44.43
N GLU A 254 0.18 9.60 -44.35
CA GLU A 254 -1.13 9.63 -43.66
C GLU A 254 -1.97 8.41 -44.02
N GLN A 255 -1.93 8.07 -45.31
CA GLN A 255 -2.84 7.12 -45.94
C GLN A 255 -2.42 5.68 -45.64
N ARG A 256 -1.25 5.46 -45.03
CA ARG A 256 -0.87 4.13 -44.48
C ARG A 256 -1.61 3.83 -43.17
N TYR A 257 -2.24 4.83 -42.53
CA TYR A 257 -2.79 4.75 -41.13
C TYR A 257 -4.32 4.64 -41.14
N THR A 258 -4.85 3.71 -40.33
CA THR A 258 -6.31 3.49 -40.18
C THR A 258 -6.66 3.44 -38.69
N CYS A 259 -7.81 4.04 -38.38
CA CYS A 259 -8.34 4.06 -37.04
C CYS A 259 -9.58 3.16 -37.02
N HIS A 260 -9.61 2.20 -36.10
CA HIS A 260 -10.66 1.18 -36.02
C HIS A 260 -11.52 1.43 -34.76
N VAL A 261 -12.86 1.40 -34.92
CA VAL A 261 -13.79 1.68 -33.88
C VAL A 261 -14.73 0.51 -33.75
N GLN A 262 -14.74 -0.07 -32.55
CA GLN A 262 -15.65 -1.11 -32.14
C GLN A 262 -16.55 -0.56 -31.03
N HIS A 263 -17.86 -0.62 -31.26
CA HIS A 263 -18.87 -0.24 -30.31
C HIS A 263 -20.19 -0.99 -30.59
N GLU A 264 -20.86 -1.34 -29.49
CA GLU A 264 -22.09 -2.10 -29.46
C GLU A 264 -23.14 -1.49 -30.40
N GLY A 265 -23.18 -0.16 -30.50
CA GLY A 265 -24.15 0.55 -31.32
C GLY A 265 -23.84 0.51 -32.81
N LEU A 266 -22.66 -0.02 -33.15
CA LEU A 266 -22.23 -0.16 -34.53
C LEU A 266 -22.59 -1.55 -35.00
N PRO A 267 -23.30 -1.70 -36.14
CA PRO A 267 -23.48 -3.02 -36.75
C PRO A 267 -22.20 -3.74 -37.18
N LYS A 268 -21.17 -2.99 -37.52
CA LYS A 268 -19.83 -3.55 -37.79
C LYS A 268 -18.79 -2.50 -37.41
N PRO A 269 -17.58 -2.91 -37.01
CA PRO A 269 -16.46 -2.00 -36.84
C PRO A 269 -16.24 -1.01 -38.00
N LEU A 270 -16.05 0.29 -37.66
CA LEU A 270 -15.67 1.32 -38.61
C LEU A 270 -14.16 1.26 -38.85
N THR A 271 -13.77 1.54 -40.09
CA THR A 271 -12.44 2.02 -40.43
C THR A 271 -12.52 3.51 -40.79
N LEU A 272 -11.57 4.29 -40.27
CA LEU A 272 -11.36 5.66 -40.69
C LEU A 272 -9.91 5.82 -41.20
N ARG A 273 -9.80 6.58 -42.31
CA ARG A 273 -8.52 6.92 -43.00
C ARG A 273 -8.54 8.44 -43.25
N TRP A 274 -7.40 9.13 -43.04
CA TRP A 274 -7.32 10.56 -43.35
C TRP A 274 -7.42 10.76 -44.87
N GLU A 275 -8.56 11.32 -45.31
CA GLU A 275 -8.77 11.87 -46.66
C GLU A 275 -8.63 13.39 -46.57
N PRO A 276 -7.67 14.01 -47.31
CA PRO A 276 -7.49 15.47 -47.30
C PRO A 276 -8.68 16.27 -47.87
N MET B 1 -2.86 0.33 3.25
CA MET B 1 -3.02 1.70 2.65
C MET B 1 -2.46 1.70 1.22
N ILE B 2 -3.32 1.64 0.21
CA ILE B 2 -2.81 2.05 -1.08
C ILE B 2 -3.14 3.52 -1.30
N GLN B 3 -2.26 4.21 -2.03
CA GLN B 3 -2.48 5.59 -2.46
C GLN B 3 -2.25 5.71 -3.97
N ARG B 4 -3.27 6.17 -4.69
CA ARG B 4 -3.15 6.35 -6.10
C ARG B 4 -3.39 7.82 -6.46
N THR B 5 -2.56 8.36 -7.35
CA THR B 5 -2.57 9.78 -7.71
C THR B 5 -3.56 10.03 -8.84
N PRO B 6 -4.37 11.11 -8.85
CA PRO B 6 -5.42 11.23 -9.86
C PRO B 6 -4.92 11.48 -11.30
N LYS B 7 -5.68 11.00 -12.28
CA LYS B 7 -5.59 11.45 -13.60
C LYS B 7 -6.66 12.52 -13.77
N ILE B 8 -6.34 13.54 -14.56
CA ILE B 8 -7.17 14.72 -14.76
C ILE B 8 -7.34 14.91 -16.27
N GLN B 9 -8.56 15.13 -16.75
CA GLN B 9 -8.83 15.70 -18.08
C GLN B 9 -9.74 16.92 -17.96
N VAL B 10 -9.45 17.97 -18.76
CA VAL B 10 -10.22 19.16 -18.81
C VAL B 10 -10.75 19.31 -20.23
N TYR B 11 -12.07 19.40 -20.42
CA TYR B 11 -12.67 19.37 -21.70
C TYR B 11 -14.08 19.92 -21.60
N SER B 12 -14.69 20.18 -22.75
CA SER B 12 -16.04 20.69 -22.87
C SER B 12 -16.99 19.56 -23.26
N ARG B 13 -18.27 19.76 -22.94
CA ARG B 13 -19.29 18.78 -23.23
C ARG B 13 -19.53 18.68 -24.76
N HIS B 14 -19.63 19.83 -25.40
CA HIS B 14 -19.83 19.94 -26.86
C HIS B 14 -18.58 20.56 -27.45
N PRO B 15 -18.33 20.39 -28.79
CA PRO B 15 -17.20 21.07 -29.43
C PRO B 15 -17.24 22.57 -29.10
N ALA B 16 -16.09 23.20 -28.83
CA ALA B 16 -16.07 24.59 -28.34
C ALA B 16 -16.24 25.58 -29.49
N GLU B 17 -17.08 26.60 -29.22
CA GLU B 17 -17.41 27.68 -30.16
C GLU B 17 -17.55 28.97 -29.34
N ASN B 18 -16.82 30.01 -29.73
CA ASN B 18 -16.85 31.28 -29.00
C ASN B 18 -18.29 31.85 -29.03
N GLY B 19 -18.77 32.27 -27.85
CA GLY B 19 -20.06 32.92 -27.64
C GLY B 19 -21.22 31.94 -27.52
N LYS B 20 -21.00 30.67 -27.85
CA LYS B 20 -21.99 29.61 -27.71
C LYS B 20 -21.84 28.99 -26.31
N SER B 21 -22.97 28.84 -25.59
CA SER B 21 -22.99 28.29 -24.22
C SER B 21 -22.82 26.76 -24.25
N ASN B 22 -22.14 26.24 -23.23
CA ASN B 22 -21.52 24.90 -23.23
C ASN B 22 -21.27 24.48 -21.77
N PHE B 23 -20.60 23.35 -21.55
CA PHE B 23 -20.21 22.93 -20.20
C PHE B 23 -18.71 22.62 -20.16
N LEU B 24 -18.04 23.14 -19.13
CA LEU B 24 -16.61 22.89 -18.86
C LEU B 24 -16.50 21.76 -17.84
N ASN B 25 -15.69 20.76 -18.16
CA ASN B 25 -15.62 19.51 -17.45
C ASN B 25 -14.22 19.29 -16.92
N CYS B 26 -14.13 18.86 -15.67
CA CYS B 26 -12.90 18.33 -15.07
C CYS B 26 -13.20 16.94 -14.54
N TYR B 27 -12.65 15.95 -15.24
CA TYR B 27 -12.79 14.56 -14.90
C TYR B 27 -11.54 14.12 -14.12
N VAL B 28 -11.72 13.77 -12.87
CA VAL B 28 -10.63 13.21 -12.05
C VAL B 28 -10.94 11.74 -11.78
N SER B 29 -9.96 10.85 -12.02
CA SER B 29 -10.16 9.43 -12.04
C SER B 29 -8.89 8.73 -11.60
N GLY B 30 -8.98 7.46 -11.23
CA GLY B 30 -7.81 6.67 -10.90
C GLY B 30 -7.27 6.93 -9.49
N PHE B 31 -8.02 7.57 -8.58
CA PHE B 31 -7.37 8.02 -7.30
C PHE B 31 -7.84 7.20 -6.07
N HIS B 32 -7.07 7.32 -4.99
CA HIS B 32 -7.36 6.69 -3.74
C HIS B 32 -6.41 7.20 -2.68
N PRO B 33 -6.86 7.62 -1.48
CA PRO B 33 -8.22 7.58 -0.98
C PRO B 33 -9.15 8.58 -1.71
N SER B 34 -10.38 8.68 -1.24
CA SER B 34 -11.45 9.31 -1.90
C SER B 34 -11.43 10.82 -1.69
N ASP B 35 -10.78 11.28 -0.62
CA ASP B 35 -10.73 12.71 -0.29
C ASP B 35 -9.89 13.48 -1.34
N ILE B 36 -10.51 14.46 -2.01
CA ILE B 36 -9.96 15.16 -3.18
C ILE B 36 -10.64 16.51 -3.30
N GLU B 37 -9.86 17.56 -3.55
CA GLU B 37 -10.35 18.90 -3.80
C GLU B 37 -10.18 19.23 -5.29
N VAL B 38 -11.29 19.68 -5.89
CA VAL B 38 -11.33 20.04 -7.24
C VAL B 38 -12.02 21.41 -7.38
N ASP B 39 -11.29 22.36 -8.01
CA ASP B 39 -11.80 23.67 -8.43
C ASP B 39 -11.61 23.88 -9.94
N LEU B 40 -12.61 24.52 -10.54
CA LEU B 40 -12.51 25.12 -11.87
C LEU B 40 -12.15 26.62 -11.72
N LEU B 41 -11.11 27.03 -12.46
CA LEU B 41 -10.59 28.41 -12.51
C LEU B 41 -10.92 29.09 -13.85
N LYS B 42 -11.35 30.35 -13.75
CA LYS B 42 -11.51 31.32 -14.89
C LYS B 42 -10.54 32.49 -14.67
N ASN B 43 -9.54 32.61 -15.53
CA ASN B 43 -8.52 33.66 -15.45
C ASN B 43 -7.83 33.65 -14.06
N GLY B 44 -7.69 32.45 -13.47
CA GLY B 44 -6.94 32.37 -12.19
C GLY B 44 -7.83 32.30 -10.93
N GLU B 45 -9.12 32.72 -11.03
CA GLU B 45 -10.08 32.84 -9.88
C GLU B 45 -11.08 31.69 -9.89
N ARG B 46 -11.48 31.20 -8.70
CA ARG B 46 -12.29 30.01 -8.66
C ARG B 46 -13.72 30.35 -9.12
N ILE B 47 -14.37 29.39 -9.75
CA ILE B 47 -15.74 29.49 -10.17
C ILE B 47 -16.57 28.84 -9.03
N GLU B 48 -17.63 29.52 -8.58
CA GLU B 48 -18.42 29.09 -7.42
C GLU B 48 -19.42 27.99 -7.81
N LYS B 49 -20.25 28.26 -8.83
CA LYS B 49 -21.36 27.38 -9.25
C LYS B 49 -20.80 26.23 -10.12
N VAL B 50 -20.19 25.28 -9.42
CA VAL B 50 -19.68 24.03 -10.00
C VAL B 50 -20.45 22.87 -9.39
N GLU B 51 -20.88 21.92 -10.22
CA GLU B 51 -21.56 20.73 -9.72
C GLU B 51 -20.60 19.55 -9.85
N HIS B 52 -20.85 18.47 -9.10
CA HIS B 52 -20.12 17.23 -9.20
C HIS B 52 -21.09 16.05 -9.12
N SER B 53 -20.75 15.02 -9.89
CA SER B 53 -21.26 13.68 -9.76
C SER B 53 -21.02 13.12 -8.35
N ASP B 54 -21.74 12.04 -8.07
CA ASP B 54 -21.66 11.22 -6.88
C ASP B 54 -20.49 10.25 -7.02
N LEU B 55 -19.78 10.04 -5.89
CA LEU B 55 -18.55 9.28 -5.87
C LEU B 55 -18.84 7.86 -6.29
N SER B 56 -18.11 7.38 -7.31
CA SER B 56 -18.19 5.94 -7.73
C SER B 56 -16.78 5.38 -7.97
N PHE B 57 -16.67 4.12 -8.35
CA PHE B 57 -15.34 3.57 -8.45
C PHE B 57 -15.25 2.50 -9.52
N SER B 58 -14.01 2.26 -9.97
CA SER B 58 -13.71 1.30 -11.06
C SER B 58 -13.41 -0.08 -10.44
N LYS B 59 -13.17 -1.08 -11.32
N LYS B 59 -13.18 -1.06 -11.35
CA LYS B 59 -12.86 -2.48 -10.98
CA LYS B 59 -12.80 -2.46 -11.11
C LYS B 59 -11.58 -2.61 -10.13
C LYS B 59 -11.58 -2.61 -10.17
N ASP B 60 -10.61 -1.70 -10.29
CA ASP B 60 -9.41 -1.71 -9.46
C ASP B 60 -9.65 -0.95 -8.13
N TRP B 61 -10.90 -0.57 -7.84
CA TRP B 61 -11.33 0.19 -6.61
C TRP B 61 -10.94 1.68 -6.61
N SER B 62 -10.29 2.19 -7.67
CA SER B 62 -9.94 3.61 -7.72
C SER B 62 -11.19 4.43 -8.01
N PHE B 63 -11.22 5.66 -7.49
CA PHE B 63 -12.39 6.54 -7.54
C PHE B 63 -12.42 7.37 -8.82
N TYR B 64 -13.63 7.82 -9.17
CA TYR B 64 -13.72 8.87 -10.17
C TYR B 64 -14.90 9.81 -9.86
N LEU B 65 -14.69 11.08 -10.28
CA LEU B 65 -15.65 12.19 -10.17
C LEU B 65 -15.60 13.05 -11.45
N LEU B 66 -16.75 13.60 -11.83
CA LEU B 66 -16.80 14.69 -12.80
C LEU B 66 -17.28 15.97 -12.09
N TYR B 67 -16.51 17.06 -12.21
CA TYR B 67 -16.90 18.40 -11.82
C TYR B 67 -17.25 19.15 -13.13
N TYR B 68 -18.34 19.90 -13.13
CA TYR B 68 -18.78 20.61 -14.35
C TYR B 68 -19.48 21.94 -13.98
N THR B 69 -19.36 22.94 -14.87
CA THR B 69 -19.95 24.27 -14.73
C THR B 69 -20.40 24.78 -16.11
N GLU B 70 -21.53 25.50 -16.15
CA GLU B 70 -22.03 26.13 -17.34
C GLU B 70 -21.15 27.34 -17.65
N PHE B 71 -20.74 27.47 -18.91
CA PHE B 71 -19.86 28.57 -19.31
C PHE B 71 -20.05 28.88 -20.78
N THR B 72 -19.69 30.11 -21.15
CA THR B 72 -19.60 30.55 -22.55
C THR B 72 -18.15 30.89 -22.87
N PRO B 73 -17.48 30.13 -23.76
CA PRO B 73 -16.11 30.44 -24.16
C PRO B 73 -16.06 31.74 -24.97
N THR B 74 -14.97 32.50 -24.74
CA THR B 74 -14.69 33.72 -25.49
C THR B 74 -13.23 33.69 -25.92
N GLU B 75 -12.77 34.81 -26.51
CA GLU B 75 -11.42 35.02 -27.04
C GLU B 75 -10.41 35.03 -25.88
N LYS B 76 -10.63 35.93 -24.91
CA LYS B 76 -9.57 36.32 -23.97
C LYS B 76 -9.50 35.37 -22.76
N ASP B 77 -10.55 34.60 -22.50
CA ASP B 77 -10.72 33.89 -21.22
C ASP B 77 -9.96 32.55 -21.21
N GLU B 78 -9.20 32.33 -20.15
CA GLU B 78 -8.53 31.06 -19.88
C GLU B 78 -9.21 30.31 -18.72
N TYR B 79 -9.34 28.99 -18.91
CA TYR B 79 -10.00 28.06 -17.99
C TYR B 79 -8.99 26.95 -17.65
N ALA B 80 -8.96 26.61 -16.36
CA ALA B 80 -8.13 25.52 -15.86
C ALA B 80 -8.89 24.76 -14.77
N CYS B 81 -8.26 23.67 -14.31
CA CYS B 81 -8.73 22.79 -13.24
C CYS B 81 -7.59 22.73 -12.20
N ARG B 82 -7.88 23.01 -10.91
CA ARG B 82 -6.92 22.82 -9.82
C ARG B 82 -7.40 21.65 -8.97
N VAL B 83 -6.49 20.69 -8.67
CA VAL B 83 -6.78 19.42 -7.95
C VAL B 83 -5.80 19.27 -6.78
N ASN B 84 -6.29 18.97 -5.58
CA ASN B 84 -5.39 18.63 -4.49
C ASN B 84 -5.79 17.24 -3.97
N HIS B 85 -4.77 16.50 -3.49
CA HIS B 85 -4.90 15.12 -3.04
C HIS B 85 -3.71 14.81 -2.13
N VAL B 86 -3.76 13.75 -1.34
CA VAL B 86 -2.67 13.42 -0.42
C VAL B 86 -1.38 12.99 -1.18
N THR B 87 -1.51 12.55 -2.43
CA THR B 87 -0.39 12.07 -3.31
C THR B 87 0.35 13.20 -4.04
N LEU B 88 -0.20 14.43 -4.01
CA LEU B 88 0.38 15.56 -4.71
C LEU B 88 1.12 16.45 -3.70
N SER B 89 2.39 16.85 -4.02
CA SER B 89 3.24 17.69 -3.16
C SER B 89 2.63 19.09 -3.02
N GLN B 90 1.82 19.44 -4.03
CA GLN B 90 1.06 20.66 -4.08
C GLN B 90 0.06 20.53 -5.21
N PRO B 91 -1.06 21.27 -5.12
CA PRO B 91 -2.12 21.17 -6.10
C PRO B 91 -1.64 21.25 -7.55
N LYS B 92 -2.10 20.33 -8.38
CA LYS B 92 -1.86 20.33 -9.79
C LYS B 92 -2.86 21.21 -10.53
N ILE B 93 -2.35 22.12 -11.38
CA ILE B 93 -3.22 22.91 -12.25
C ILE B 93 -3.07 22.43 -13.69
N VAL B 94 -4.19 22.12 -14.35
CA VAL B 94 -4.25 21.61 -15.72
C VAL B 94 -5.05 22.61 -16.56
N LYS B 95 -4.43 23.23 -17.56
CA LYS B 95 -5.13 24.21 -18.44
C LYS B 95 -6.12 23.45 -19.34
N TRP B 96 -7.25 24.10 -19.63
CA TRP B 96 -8.16 23.72 -20.67
C TRP B 96 -7.55 24.02 -22.05
N ASP B 97 -7.29 22.96 -22.82
CA ASP B 97 -6.99 23.01 -24.25
C ASP B 97 -8.29 22.79 -25.04
N ARG B 98 -8.67 23.81 -25.81
CA ARG B 98 -9.95 23.93 -26.55
C ARG B 98 -10.14 22.83 -27.62
N ASP B 99 -9.04 22.27 -28.12
CA ASP B 99 -9.13 21.23 -29.16
C ASP B 99 -9.54 19.89 -28.56
N MET B 100 -9.49 19.72 -27.22
CA MET B 100 -9.13 18.41 -26.63
C MET B 100 -10.16 17.92 -25.58
N LEU C 1 -33.22 -2.32 -7.21
CA LEU C 1 -33.72 -2.57 -5.82
C LEU C 1 -32.57 -3.14 -4.99
N LEU C 2 -32.32 -2.54 -3.81
CA LEU C 2 -31.25 -2.97 -2.93
C LEU C 2 -31.53 -4.39 -2.42
N TRP C 3 -30.42 -5.05 -2.06
CA TRP C 3 -30.34 -6.30 -1.28
C TRP C 3 -30.71 -6.01 0.17
N ASN C 4 -31.54 -6.84 0.83
CA ASN C 4 -31.93 -6.50 2.22
C ASN C 4 -31.03 -7.19 3.27
N GLY C 5 -29.95 -7.88 2.86
CA GLY C 5 -29.29 -8.90 3.70
C GLY C 5 -27.83 -8.63 4.07
N PRO C 6 -27.27 -7.42 4.04
CA PRO C 6 -25.87 -7.24 4.39
C PRO C 6 -25.60 -7.51 5.87
N ILE C 7 -24.49 -8.23 6.11
CA ILE C 7 -24.09 -8.69 7.45
C ILE C 7 -22.68 -8.13 7.73
N ALA C 8 -22.48 -7.63 8.96
CA ALA C 8 -21.22 -7.17 9.49
C ALA C 8 -20.06 -8.14 9.15
N VAL C 9 -18.83 -7.61 9.04
CA VAL C 9 -17.59 -8.43 8.78
C VAL C 9 -17.16 -9.15 10.07
N GLY D 1 32.23 3.42 25.40
CA GLY D 1 32.60 2.59 24.24
C GLY D 1 32.31 3.35 22.97
N SER D 2 32.31 2.63 21.86
CA SER D 2 32.12 3.22 20.56
C SER D 2 30.61 3.32 20.26
N HIS D 3 30.17 4.22 19.37
CA HIS D 3 28.74 4.46 19.08
C HIS D 3 28.54 4.64 17.58
N SER D 4 27.27 4.59 17.16
CA SER D 4 26.87 4.65 15.78
C SER D 4 25.53 5.39 15.64
N MET D 5 25.37 6.12 14.53
CA MET D 5 24.08 6.60 14.06
C MET D 5 23.89 6.04 12.66
N ARG D 6 22.75 5.40 12.45
CA ARG D 6 22.38 4.73 11.19
C ARG D 6 20.93 5.03 10.84
N TYR D 7 20.71 5.29 9.55
CA TYR D 7 19.42 5.43 8.96
C TYR D 7 19.25 4.36 7.88
N PHE D 8 18.04 3.81 7.83
CA PHE D 8 17.68 2.69 7.01
C PHE D 8 16.41 3.09 6.24
N PHE D 9 16.41 2.94 4.90
CA PHE D 9 15.32 3.30 4.03
C PHE D 9 14.94 2.08 3.18
N THR D 10 13.62 1.80 3.07
CA THR D 10 13.12 0.72 2.23
C THR D 10 12.00 1.26 1.33
N SER D 11 12.07 0.98 0.02
CA SER D 11 11.04 1.40 -0.88
C SER D 11 10.67 0.23 -1.77
N VAL D 12 9.38 -0.02 -1.88
CA VAL D 12 8.84 -1.19 -2.52
C VAL D 12 7.78 -0.76 -3.53
N SER D 13 7.89 -1.22 -4.77
CA SER D 13 6.88 -0.86 -5.80
C SER D 13 5.64 -1.73 -5.66
N ARG D 14 4.53 -1.24 -6.19
CA ARG D 14 3.28 -1.91 -6.08
C ARG D 14 2.62 -1.93 -7.46
N PRO D 15 2.96 -2.91 -8.33
CA PRO D 15 2.35 -3.04 -9.65
C PRO D 15 0.82 -3.01 -9.56
N GLY D 16 0.17 -2.20 -10.42
CA GLY D 16 -1.28 -2.06 -10.45
C GLY D 16 -1.86 -1.33 -9.23
N ARG D 17 -1.06 -0.94 -8.23
CA ARG D 17 -1.62 -0.57 -6.88
C ARG D 17 -1.05 0.79 -6.37
N GLY D 18 -0.68 1.68 -7.30
CA GLY D 18 -0.33 3.10 -7.06
C GLY D 18 1.10 3.32 -6.52
N GLU D 19 1.21 4.26 -5.56
CA GLU D 19 2.47 4.80 -5.06
C GLU D 19 3.23 3.71 -4.29
N PRO D 20 4.56 3.70 -4.29
CA PRO D 20 5.33 2.66 -3.62
C PRO D 20 5.34 2.91 -2.09
N ARG D 21 5.44 1.84 -1.32
CA ARG D 21 5.61 1.88 0.14
C ARG D 21 6.99 2.49 0.39
N PHE D 22 7.14 3.24 1.49
CA PHE D 22 8.36 3.86 1.79
C PHE D 22 8.51 3.96 3.32
N ILE D 23 9.57 3.37 3.88
CA ILE D 23 9.76 3.31 5.30
C ILE D 23 11.16 3.79 5.63
N ALA D 24 11.26 4.66 6.65
CA ALA D 24 12.52 5.16 7.09
C ALA D 24 12.60 5.09 8.61
N VAL D 25 13.74 4.64 9.12
CA VAL D 25 13.96 4.52 10.56
C VAL D 25 15.37 5.02 10.84
N GLY D 26 15.55 5.67 11.99
CA GLY D 26 16.84 6.07 12.48
C GLY D 26 17.18 5.38 13.80
N TYR D 27 18.47 5.05 13.98
CA TYR D 27 18.99 4.38 15.12
C TYR D 27 20.24 5.08 15.67
N VAL D 28 20.30 5.22 17.00
CA VAL D 28 21.55 5.41 17.68
C VAL D 28 21.83 4.06 18.35
N ASP D 29 23.00 3.48 18.10
CA ASP D 29 23.37 2.13 18.60
C ASP D 29 22.25 1.16 18.20
N ASP D 30 21.67 0.46 19.17
CA ASP D 30 20.59 -0.43 18.92
C ASP D 30 19.22 0.21 19.29
N THR D 31 19.14 1.54 19.44
CA THR D 31 17.92 2.20 19.90
C THR D 31 17.30 3.00 18.76
N GLN D 32 16.08 2.64 18.34
CA GLN D 32 15.35 3.39 17.34
C GLN D 32 14.90 4.76 17.89
N PHE D 33 15.16 5.86 17.16
CA PHE D 33 14.74 7.21 17.68
C PHE D 33 13.80 7.99 16.75
N VAL D 34 13.76 7.67 15.45
CA VAL D 34 12.76 8.34 14.56
C VAL D 34 12.26 7.34 13.54
N ARG D 35 11.08 7.60 12.96
CA ARG D 35 10.56 6.81 11.83
C ARG D 35 9.68 7.67 10.92
N PHE D 36 9.58 7.23 9.67
CA PHE D 36 8.59 7.69 8.76
C PHE D 36 8.03 6.47 8.03
N ASP D 37 6.72 6.42 7.86
CA ASP D 37 6.05 5.39 7.08
C ASP D 37 5.01 6.04 6.19
N SER D 38 5.09 5.80 4.89
CA SER D 38 4.15 6.34 3.92
C SER D 38 2.71 5.82 4.16
N ASP D 39 2.55 4.68 4.84
CA ASP D 39 1.18 4.12 5.12
C ASP D 39 0.58 4.77 6.38
N ALA D 40 1.33 5.60 7.11
CA ALA D 40 0.92 6.19 8.44
C ALA D 40 0.10 7.47 8.22
N ALA D 41 -0.45 8.00 9.32
CA ALA D 41 -1.48 9.01 9.27
C ALA D 41 -0.84 10.40 9.23
N SER D 42 0.28 10.56 9.93
CA SER D 42 0.90 11.87 10.15
C SER D 42 1.46 12.43 8.81
N GLN D 43 2.10 11.58 8.00
CA GLN D 43 2.91 12.02 6.82
C GLN D 43 4.03 12.98 7.27
N ARG D 44 4.50 12.78 8.51
CA ARG D 44 5.60 13.51 9.13
C ARG D 44 6.64 12.52 9.66
N MET D 45 7.90 12.97 9.81
CA MET D 45 8.85 12.25 10.64
C MET D 45 8.37 12.30 12.11
N GLU D 46 8.38 11.14 12.78
CA GLU D 46 7.78 10.94 14.11
C GLU D 46 8.87 10.52 15.10
N PRO D 47 8.80 10.95 16.39
CA PRO D 47 9.68 10.43 17.43
C PRO D 47 9.32 9.00 17.88
N ARG D 48 10.35 8.28 18.33
CA ARG D 48 10.25 6.91 18.83
C ARG D 48 11.08 6.74 20.10
N ALA D 49 11.48 7.84 20.73
CA ALA D 49 12.24 7.79 21.93
C ALA D 49 12.09 9.13 22.66
N PRO D 50 12.02 9.13 24.01
CA PRO D 50 11.59 10.33 24.73
C PRO D 50 12.56 11.51 24.55
N TRP D 51 13.87 11.22 24.59
CA TRP D 51 14.91 12.23 24.52
C TRP D 51 14.87 13.09 23.23
N ILE D 52 14.46 12.53 22.10
CA ILE D 52 14.39 13.25 20.81
C ILE D 52 13.15 14.15 20.76
N GLU D 53 12.08 13.79 21.47
CA GLU D 53 10.84 14.62 21.55
C GLU D 53 11.09 16.05 22.04
N GLN D 54 12.26 16.40 22.58
CA GLN D 54 12.50 17.79 23.08
C GLN D 54 13.17 18.68 22.01
N GLU D 55 13.32 18.20 20.76
CA GLU D 55 13.74 19.06 19.64
C GLU D 55 12.52 19.87 19.16
N GLY D 56 12.73 21.12 18.72
CA GLY D 56 11.65 22.09 18.44
C GLY D 56 10.96 21.88 17.09
N PRO D 57 9.93 22.68 16.75
CA PRO D 57 9.20 22.47 15.50
C PRO D 57 10.15 22.58 14.30
N GLU D 58 11.24 23.33 14.45
CA GLU D 58 12.29 23.48 13.42
C GLU D 58 12.83 22.11 13.02
N TYR D 59 13.22 21.30 14.01
CA TYR D 59 13.88 19.99 13.78
C TYR D 59 12.90 19.07 13.02
N TRP D 60 11.66 19.04 13.50
CA TRP D 60 10.66 18.16 12.92
C TRP D 60 10.25 18.60 11.51
N ASP D 61 10.07 19.89 11.27
CA ASP D 61 9.63 20.42 9.95
C ASP D 61 10.72 20.04 8.92
N GLY D 62 11.99 20.25 9.27
CA GLY D 62 13.14 20.02 8.39
C GLY D 62 13.43 18.55 8.17
N GLU D 63 13.25 17.73 9.23
CA GLU D 63 13.47 16.30 9.07
C GLU D 63 12.36 15.76 8.17
N THR D 64 11.13 16.28 8.38
CA THR D 64 10.00 15.93 7.46
C THR D 64 10.37 16.31 6.02
N ARG D 65 10.84 17.54 5.79
CA ARG D 65 11.17 18.00 4.46
C ARG D 65 12.15 17.01 3.81
N LYS D 66 13.24 16.71 4.51
CA LYS D 66 14.32 15.86 3.97
C LYS D 66 13.88 14.40 3.76
N VAL D 67 13.04 13.88 4.66
CA VAL D 67 12.60 12.52 4.50
C VAL D 67 11.65 12.45 3.30
N LYS D 68 10.83 13.49 3.05
CA LYS D 68 9.99 13.51 1.82
C LYS D 68 10.85 13.58 0.54
N ALA D 69 11.98 14.30 0.60
CA ALA D 69 12.93 14.34 -0.57
C ALA D 69 13.55 12.95 -0.84
N HIS D 70 13.83 12.18 0.22
CA HIS D 70 14.37 10.80 0.08
C HIS D 70 13.34 9.93 -0.62
N SER D 71 12.11 9.98 -0.11
CA SER D 71 10.94 9.30 -0.64
C SER D 71 10.80 9.56 -2.13
N GLN D 72 10.87 10.85 -2.50
CA GLN D 72 10.74 11.23 -3.95
C GLN D 72 11.90 10.69 -4.79
N THR D 73 13.14 10.76 -4.29
CA THR D 73 14.28 10.19 -4.99
C THR D 73 14.10 8.69 -5.23
N HIS D 74 13.72 8.00 -4.17
CA HIS D 74 13.40 6.55 -4.26
C HIS D 74 12.22 6.27 -5.19
N ARG D 75 11.20 7.14 -5.19
CA ARG D 75 10.07 7.03 -6.17
C ARG D 75 10.64 7.01 -7.62
N VAL D 76 11.47 8.00 -7.98
CA VAL D 76 12.14 8.09 -9.31
C VAL D 76 13.05 6.86 -9.56
N ASP D 77 13.82 6.47 -8.55
CA ASP D 77 14.84 5.42 -8.71
C ASP D 77 14.19 4.07 -9.09
N LEU D 78 13.02 3.75 -8.52
CA LEU D 78 12.35 2.49 -8.91
C LEU D 78 11.99 2.47 -10.40
N GLY D 79 11.47 3.59 -10.94
CA GLY D 79 11.25 3.69 -12.41
C GLY D 79 12.54 3.58 -13.18
N THR D 80 13.58 4.28 -12.74
CA THR D 80 14.89 4.22 -13.46
C THR D 80 15.44 2.77 -13.44
N LEU D 81 15.41 2.11 -12.31
CA LEU D 81 16.00 0.75 -12.24
C LEU D 81 15.19 -0.28 -13.05
N ARG D 82 13.86 -0.08 -13.16
CA ARG D 82 13.00 -0.89 -14.01
C ARG D 82 13.38 -0.73 -15.49
N GLY D 83 13.56 0.52 -15.97
CA GLY D 83 14.17 0.80 -17.22
C GLY D 83 15.53 0.14 -17.39
N TYR D 84 16.48 0.39 -16.49
CA TYR D 84 17.88 -0.12 -16.71
C TYR D 84 17.89 -1.64 -16.97
N TYR D 85 17.07 -2.38 -16.22
CA TYR D 85 17.07 -3.86 -16.31
C TYR D 85 15.95 -4.38 -17.24
N ASN D 86 15.16 -3.46 -17.82
CA ASN D 86 14.00 -3.74 -18.71
C ASN D 86 13.03 -4.73 -18.08
N GLN D 87 12.70 -4.57 -16.79
CA GLN D 87 11.77 -5.48 -16.13
C GLN D 87 10.35 -5.04 -16.46
N SER D 88 9.42 -6.01 -16.55
CA SER D 88 8.04 -5.71 -16.82
C SER D 88 7.44 -4.90 -15.65
N GLU D 89 6.24 -4.35 -15.92
CA GLU D 89 5.43 -3.54 -15.04
C GLU D 89 4.79 -4.42 -13.96
N ALA D 90 4.80 -5.74 -14.21
CA ALA D 90 4.00 -6.72 -13.52
C ALA D 90 4.58 -7.04 -12.13
N GLY D 91 5.89 -6.96 -11.92
CA GLY D 91 6.45 -7.44 -10.60
C GLY D 91 6.72 -6.27 -9.69
N SER D 92 6.66 -6.55 -8.38
CA SER D 92 7.19 -5.73 -7.34
C SER D 92 8.72 -5.86 -7.27
N HIS D 93 9.41 -4.71 -7.04
CA HIS D 93 10.84 -4.61 -6.78
C HIS D 93 11.13 -3.74 -5.55
N THR D 94 12.34 -3.85 -5.06
CA THR D 94 12.66 -3.25 -3.80
C THR D 94 13.97 -2.48 -3.93
N VAL D 95 14.00 -1.26 -3.44
CA VAL D 95 15.28 -0.60 -3.20
C VAL D 95 15.47 -0.46 -1.70
N GLN D 96 16.72 -0.60 -1.25
CA GLN D 96 17.10 -0.32 0.18
C GLN D 96 18.38 0.52 0.22
N ARG D 97 18.43 1.42 1.23
CA ARG D 97 19.55 2.28 1.43
C ARG D 97 19.84 2.40 2.94
N MET D 98 21.14 2.41 3.27
CA MET D 98 21.70 2.53 4.60
C MET D 98 22.91 3.49 4.55
N TYR D 99 22.91 4.46 5.49
CA TYR D 99 24.11 5.32 5.66
C TYR D 99 24.25 5.69 7.14
N GLY D 100 25.46 6.10 7.50
CA GLY D 100 25.78 6.42 8.89
C GLY D 100 27.27 6.61 9.14
N CYS D 101 27.54 6.96 10.39
CA CYS D 101 28.88 7.18 10.90
C CYS D 101 29.07 6.42 12.24
N ASP D 102 30.30 6.01 12.51
CA ASP D 102 30.73 5.43 13.78
C ASP D 102 31.74 6.39 14.43
N VAL D 103 31.66 6.54 15.77
CA VAL D 103 32.70 7.16 16.57
C VAL D 103 33.27 6.16 17.59
N GLY D 104 34.52 6.39 18.00
CA GLY D 104 35.20 5.62 19.06
C GLY D 104 34.87 6.13 20.45
N SER D 105 35.62 5.65 21.44
CA SER D 105 35.45 5.96 22.89
C SER D 105 35.50 7.45 23.19
N ASP D 106 36.31 8.20 22.41
CA ASP D 106 36.48 9.65 22.53
C ASP D 106 35.37 10.43 21.77
N TRP D 107 34.49 9.73 21.04
CA TRP D 107 33.40 10.35 20.21
C TRP D 107 33.94 11.03 18.95
N ARG D 108 35.18 10.71 18.56
CA ARG D 108 35.79 11.22 17.34
C ARG D 108 35.44 10.23 16.23
N PHE D 109 35.36 10.72 15.00
CA PHE D 109 34.93 9.93 13.86
C PHE D 109 35.92 8.77 13.64
N LEU D 110 35.37 7.63 13.23
CA LEU D 110 36.03 6.33 13.12
C LEU D 110 35.80 5.74 11.72
N ARG D 111 34.54 5.67 11.26
CA ARG D 111 34.24 5.20 9.91
C ARG D 111 32.83 5.72 9.51
N GLY D 112 32.59 5.78 8.19
CA GLY D 112 31.29 6.12 7.62
C GLY D 112 30.94 5.20 6.45
N TYR D 113 29.66 5.19 6.05
CA TYR D 113 29.23 4.23 5.08
C TYR D 113 27.97 4.71 4.36
N HIS D 114 27.84 4.24 3.12
CA HIS D 114 26.62 4.39 2.37
C HIS D 114 26.55 3.26 1.35
N GLN D 115 25.49 2.48 1.49
CA GLN D 115 25.24 1.27 0.72
C GLN D 115 23.84 1.39 0.12
N TYR D 116 23.69 0.89 -1.12
CA TYR D 116 22.41 0.88 -1.82
C TYR D 116 22.26 -0.48 -2.50
N ALA D 117 21.08 -1.11 -2.35
CA ALA D 117 20.77 -2.41 -2.87
C ALA D 117 19.47 -2.33 -3.68
N TYR D 118 19.37 -3.19 -4.70
CA TYR D 118 18.19 -3.40 -5.50
C TYR D 118 17.90 -4.90 -5.51
N ASP D 119 16.65 -5.27 -5.10
CA ASP D 119 16.11 -6.59 -5.14
C ASP D 119 17.03 -7.47 -4.29
N GLY D 120 17.46 -6.89 -3.16
CA GLY D 120 18.11 -7.68 -2.15
C GLY D 120 19.61 -7.91 -2.32
N LYS D 121 20.28 -7.32 -3.32
CA LYS D 121 21.78 -7.38 -3.45
C LYS D 121 22.37 -5.98 -3.68
N ASP D 122 23.65 -5.87 -3.27
CA ASP D 122 24.49 -4.71 -3.53
C ASP D 122 24.24 -4.21 -4.97
N TYR D 123 23.95 -2.89 -5.10
CA TYR D 123 23.92 -2.13 -6.39
C TYR D 123 25.15 -1.23 -6.49
N ILE D 124 25.26 -0.27 -5.56
CA ILE D 124 26.40 0.62 -5.55
C ILE D 124 26.72 0.92 -4.09
N ALA D 125 28.01 1.13 -3.77
CA ALA D 125 28.40 1.44 -2.41
C ALA D 125 29.59 2.40 -2.45
N LEU D 126 29.61 3.27 -1.43
CA LEU D 126 30.77 4.07 -1.17
C LEU D 126 31.87 3.19 -0.55
N LYS D 127 33.11 3.35 -0.99
CA LYS D 127 34.23 2.62 -0.38
C LYS D 127 34.62 3.24 0.97
N GLU D 128 35.58 2.56 1.62
CA GLU D 128 36.10 2.87 2.96
C GLU D 128 36.52 4.35 3.05
N ASP D 129 37.33 4.80 2.07
CA ASP D 129 37.90 6.10 1.99
C ASP D 129 36.89 7.23 1.67
N LEU D 130 35.66 6.92 1.29
CA LEU D 130 34.59 7.92 1.16
C LEU D 130 34.87 8.87 -0.01
N ARG D 131 35.65 8.37 -0.97
CA ARG D 131 36.13 9.14 -2.10
C ARG D 131 35.66 8.53 -3.43
N SER D 132 35.19 7.28 -3.43
CA SER D 132 34.80 6.63 -4.71
C SER D 132 33.84 5.45 -4.47
N TRP D 133 33.33 4.87 -5.57
CA TRP D 133 32.16 4.00 -5.62
C TRP D 133 32.56 2.60 -6.12
N THR D 134 31.84 1.58 -5.63
CA THR D 134 31.84 0.22 -6.18
C THR D 134 30.46 -0.11 -6.72
N ALA D 135 30.46 -0.51 -8.02
CA ALA D 135 29.30 -0.78 -8.79
C ALA D 135 29.24 -2.27 -9.09
N ALA D 136 28.07 -2.86 -9.00
CA ALA D 136 27.94 -4.32 -9.01
C ALA D 136 27.92 -4.88 -10.45
N ASP D 137 27.43 -4.10 -11.42
CA ASP D 137 27.17 -4.58 -12.81
C ASP D 137 27.16 -3.35 -13.76
N MET D 138 26.87 -3.60 -15.04
CA MET D 138 26.87 -2.56 -16.08
C MET D 138 25.75 -1.52 -15.83
N ALA D 139 24.65 -1.88 -15.21
CA ALA D 139 23.62 -0.86 -14.94
C ALA D 139 24.07 0.11 -13.85
N ALA D 140 24.68 -0.43 -12.78
CA ALA D 140 25.18 0.38 -11.69
C ALA D 140 26.40 1.22 -12.12
N GLN D 141 27.07 0.89 -13.25
CA GLN D 141 28.16 1.77 -13.82
C GLN D 141 27.55 3.09 -14.32
N THR D 142 26.42 3.01 -15.04
CA THR D 142 25.67 4.17 -15.43
C THR D 142 25.50 5.10 -14.21
N THR D 143 25.03 4.58 -13.08
CA THR D 143 24.80 5.38 -11.90
C THR D 143 26.11 5.97 -11.35
N LYS D 144 27.17 5.19 -11.35
CA LYS D 144 28.44 5.54 -10.77
C LYS D 144 29.00 6.76 -11.53
N HIS D 145 28.89 6.73 -12.86
CA HIS D 145 29.35 7.82 -13.70
C HIS D 145 28.55 9.08 -13.41
N LYS D 146 27.23 8.95 -13.23
CA LYS D 146 26.34 10.10 -12.92
C LYS D 146 26.73 10.71 -11.56
N TRP D 147 27.05 9.86 -10.60
CA TRP D 147 27.37 10.29 -9.25
C TRP D 147 28.80 10.79 -9.11
N GLU D 148 29.69 10.44 -10.05
CA GLU D 148 31.09 10.98 -10.15
C GLU D 148 31.02 12.38 -10.76
N ALA D 149 30.13 12.53 -11.75
CA ALA D 149 29.93 13.75 -12.52
C ALA D 149 29.32 14.86 -11.66
N ALA D 150 28.58 14.48 -10.61
CA ALA D 150 27.90 15.40 -9.72
C ALA D 150 28.63 15.48 -8.36
N HIS D 151 29.80 14.84 -8.26
CA HIS D 151 30.63 14.81 -7.06
C HIS D 151 29.78 14.60 -5.80
N VAL D 152 28.99 13.54 -5.83
CA VAL D 152 28.17 13.08 -4.74
C VAL D 152 29.03 12.57 -3.55
N ALA D 153 30.14 11.87 -3.82
CA ALA D 153 30.99 11.36 -2.73
C ALA D 153 31.48 12.54 -1.86
N GLU D 154 31.85 13.64 -2.47
CA GLU D 154 32.40 14.78 -1.75
C GLU D 154 31.38 15.28 -0.72
N GLN D 155 30.08 15.36 -1.06
CA GLN D 155 29.12 16.03 -0.16
C GLN D 155 28.63 15.04 0.89
N LEU D 156 28.52 13.79 0.45
CA LEU D 156 28.27 12.67 1.33
C LEU D 156 29.39 12.55 2.37
N ARG D 157 30.65 12.70 1.94
CA ARG D 157 31.77 12.61 2.84
C ARG D 157 31.72 13.77 3.86
N ALA D 158 31.40 14.99 3.40
CA ALA D 158 31.27 16.12 4.32
C ALA D 158 30.23 15.81 5.43
N TYR D 159 29.10 15.20 5.08
CA TYR D 159 28.00 14.84 6.01
C TYR D 159 28.45 13.77 7.04
N LEU D 160 29.00 12.64 6.55
CA LEU D 160 29.45 11.50 7.36
C LEU D 160 30.53 11.92 8.38
N GLU D 161 31.46 12.78 7.97
CA GLU D 161 32.64 13.18 8.77
C GLU D 161 32.34 14.40 9.68
N GLY D 162 31.30 15.18 9.33
CA GLY D 162 30.92 16.39 10.05
C GLY D 162 29.57 16.22 10.72
N THR D 163 28.51 16.47 9.94
CA THR D 163 27.15 16.59 10.43
C THR D 163 26.72 15.34 11.22
N CYS D 164 26.91 14.16 10.62
CA CYS D 164 26.48 12.93 11.19
C CYS D 164 27.05 12.81 12.60
N VAL D 165 28.36 13.04 12.74
CA VAL D 165 29.07 12.85 14.01
C VAL D 165 28.65 13.94 15.00
N GLU D 166 28.43 15.17 14.50
CA GLU D 166 28.04 16.31 15.37
C GLU D 166 26.68 16.04 16.04
N TRP D 167 25.71 15.51 15.27
CA TRP D 167 24.37 15.25 15.79
C TRP D 167 24.35 13.96 16.64
N LEU D 168 25.16 12.97 16.26
CA LEU D 168 25.37 11.77 17.14
C LEU D 168 25.78 12.22 18.54
N ARG D 169 26.76 13.12 18.65
CA ARG D 169 27.28 13.58 19.94
C ARG D 169 26.16 14.23 20.76
N ARG D 170 25.27 14.96 20.09
CA ARG D 170 24.20 15.75 20.72
C ARG D 170 23.10 14.79 21.25
N TYR D 171 22.69 13.85 20.40
CA TYR D 171 21.81 12.77 20.78
C TYR D 171 22.39 11.96 21.93
N LEU D 172 23.69 11.65 21.91
CA LEU D 172 24.33 10.95 23.06
C LEU D 172 24.19 11.77 24.34
N GLU D 173 24.35 13.09 24.25
CA GLU D 173 24.33 14.03 25.39
C GLU D 173 22.88 14.15 25.93
N ASN D 174 21.90 14.32 25.02
CA ASN D 174 20.48 14.57 25.37
C ASN D 174 19.84 13.29 25.94
N GLY D 175 20.10 12.14 25.30
CA GLY D 175 19.50 10.87 25.70
C GLY D 175 20.46 10.00 26.50
N LYS D 176 21.32 10.62 27.31
CA LYS D 176 22.43 9.91 27.97
C LYS D 176 21.88 8.93 29.01
N GLU D 177 20.75 9.24 29.65
CA GLU D 177 20.19 8.34 30.66
C GLU D 177 19.56 7.09 30.00
N THR D 178 19.65 6.95 28.66
CA THR D 178 19.18 5.74 28.00
C THR D 178 20.11 5.26 26.86
N LEU D 179 20.98 6.09 26.30
CA LEU D 179 21.88 5.61 25.26
C LEU D 179 23.29 5.35 25.85
N GLN D 180 23.66 6.05 26.91
CA GLN D 180 25.02 5.94 27.47
C GLN D 180 25.04 4.87 28.56
N ARG D 181 24.48 3.68 28.24
CA ARG D 181 24.15 2.61 29.18
C ARG D 181 24.66 1.28 28.60
N THR D 182 25.11 0.38 29.49
CA THR D 182 25.31 -1.01 29.19
C THR D 182 24.64 -1.81 30.31
N ASP D 183 23.82 -2.77 29.91
CA ASP D 183 23.18 -3.70 30.82
C ASP D 183 23.83 -5.06 30.59
N ALA D 184 24.59 -5.48 31.60
CA ALA D 184 25.13 -6.82 31.78
C ALA D 184 24.04 -7.85 31.58
N PRO D 185 24.33 -8.93 30.84
CA PRO D 185 23.37 -10.03 30.70
C PRO D 185 23.14 -10.72 32.07
N LYS D 186 21.86 -11.00 32.39
CA LYS D 186 21.46 -11.96 33.40
C LYS D 186 21.55 -13.36 32.81
N THR D 187 22.32 -14.24 33.45
CA THR D 187 22.60 -15.53 32.91
C THR D 187 22.07 -16.62 33.86
N HIS D 188 21.61 -17.73 33.26
CA HIS D 188 21.27 -18.98 33.96
C HIS D 188 21.33 -20.17 33.00
N MET D 189 21.42 -21.37 33.53
CA MET D 189 21.50 -22.59 32.76
C MET D 189 20.26 -23.43 33.05
N THR D 190 19.72 -24.12 32.04
CA THR D 190 18.63 -25.11 32.22
C THR D 190 19.08 -26.47 31.66
N HIS D 191 18.47 -27.50 32.25
CA HIS D 191 18.74 -28.91 32.04
C HIS D 191 17.42 -29.66 31.78
N HIS D 192 17.38 -30.41 30.68
CA HIS D 192 16.30 -31.22 30.26
C HIS D 192 16.84 -32.57 29.77
N ALA D 193 16.55 -33.64 30.52
CA ALA D 193 16.91 -35.00 30.12
C ALA D 193 16.16 -35.34 28.82
N VAL D 194 16.89 -35.98 27.88
CA VAL D 194 16.38 -36.38 26.57
C VAL D 194 16.14 -37.91 26.59
N SER D 195 17.08 -38.66 27.18
CA SER D 195 16.93 -40.08 27.38
C SER D 195 17.61 -40.51 28.69
N ASP D 196 18.11 -41.75 28.74
CA ASP D 196 18.88 -42.30 29.87
C ASP D 196 20.38 -42.06 29.68
N HIS D 197 20.79 -41.72 28.45
CA HIS D 197 22.21 -41.58 28.13
C HIS D 197 22.54 -40.15 27.66
N GLU D 198 21.54 -39.27 27.59
CA GLU D 198 21.71 -37.96 27.00
C GLU D 198 20.82 -36.92 27.69
N ALA D 199 21.35 -35.70 27.80
CA ALA D 199 20.65 -34.52 28.33
C ALA D 199 21.06 -33.29 27.53
N THR D 200 20.15 -32.30 27.52
CA THR D 200 20.29 -31.00 26.90
C THR D 200 20.64 -29.98 27.96
N LEU D 201 21.73 -29.25 27.76
CA LEU D 201 22.04 -28.10 28.58
C LEU D 201 21.74 -26.84 27.75
N ARG D 202 21.11 -25.86 28.39
CA ARG D 202 20.80 -24.60 27.72
C ARG D 202 21.24 -23.43 28.56
N CYS D 203 22.10 -22.61 27.94
CA CYS D 203 22.69 -21.42 28.52
C CYS D 203 21.89 -20.20 28.06
N TRP D 204 21.50 -19.33 29.01
CA TRP D 204 20.62 -18.18 28.76
C TRP D 204 21.35 -16.87 29.06
N ALA D 205 21.21 -15.88 28.15
CA ALA D 205 21.49 -14.48 28.44
C ALA D 205 20.24 -13.64 28.19
N LEU D 206 19.83 -12.85 29.20
CA LEU D 206 18.57 -12.06 29.19
C LEU D 206 18.88 -10.62 29.58
N SER D 207 17.98 -9.69 29.19
CA SER D 207 18.01 -8.23 29.64
C SER D 207 19.35 -7.53 29.34
N PHE D 208 19.97 -7.80 28.20
CA PHE D 208 21.25 -7.17 27.93
C PHE D 208 21.08 -6.10 26.83
N TYR D 209 22.00 -5.14 26.86
CA TYR D 209 22.13 -4.04 25.97
C TYR D 209 23.57 -3.53 26.04
N PRO D 210 24.21 -3.36 24.89
CA PRO D 210 23.65 -3.53 23.57
C PRO D 210 23.49 -5.00 23.11
N ALA D 211 23.03 -5.20 21.89
CA ALA D 211 22.72 -6.53 21.35
C ALA D 211 23.99 -7.39 21.09
N GLU D 212 25.16 -6.79 20.91
CA GLU D 212 26.36 -7.58 20.57
C GLU D 212 26.70 -8.46 21.78
N ILE D 213 26.72 -9.79 21.59
CA ILE D 213 27.09 -10.81 22.60
C ILE D 213 27.77 -12.00 21.92
N THR D 214 28.47 -12.83 22.70
CA THR D 214 28.96 -14.16 22.28
C THR D 214 28.65 -15.18 23.39
N LEU D 215 27.95 -16.26 23.02
CA LEU D 215 27.75 -17.45 23.82
C LEU D 215 28.48 -18.58 23.11
N THR D 216 29.46 -19.20 23.78
CA THR D 216 30.10 -20.41 23.25
C THR D 216 30.06 -21.54 24.30
N TRP D 217 29.93 -22.77 23.81
CA TRP D 217 29.97 -23.96 24.62
C TRP D 217 31.37 -24.56 24.46
N GLN D 218 32.03 -24.87 25.58
CA GLN D 218 33.31 -25.58 25.55
C GLN D 218 33.20 -26.89 26.32
N ARG D 219 33.93 -27.90 25.86
CA ARG D 219 34.07 -29.20 26.53
C ARG D 219 35.56 -29.41 26.85
N ASP D 220 35.92 -29.28 28.13
CA ASP D 220 37.32 -29.35 28.59
C ASP D 220 38.12 -28.16 28.02
N GLY D 221 37.48 -26.98 27.96
CA GLY D 221 38.12 -25.77 27.48
C GLY D 221 38.46 -25.78 25.99
N GLU D 222 37.84 -26.70 25.22
CA GLU D 222 38.00 -26.81 23.76
C GLU D 222 36.65 -26.44 23.12
N ASP D 223 36.69 -25.50 22.16
CA ASP D 223 35.47 -24.94 21.53
C ASP D 223 34.65 -26.14 21.01
N GLN D 224 33.33 -25.99 20.96
CA GLN D 224 32.42 -27.09 20.66
C GLN D 224 31.20 -26.57 19.88
N THR D 225 31.25 -26.66 18.54
CA THR D 225 30.11 -26.42 17.63
C THR D 225 29.54 -27.75 17.07
N GLN D 226 30.05 -28.89 17.54
CA GLN D 226 29.42 -30.19 17.30
C GLN D 226 28.23 -30.31 18.28
N ASP D 227 27.03 -30.44 17.71
CA ASP D 227 25.76 -30.67 18.43
C ASP D 227 25.41 -29.47 19.32
N THR D 228 26.01 -28.29 19.05
CA THR D 228 25.51 -27.01 19.54
C THR D 228 24.18 -26.67 18.82
N GLU D 229 23.33 -25.86 19.46
CA GLU D 229 22.28 -25.10 18.80
C GLU D 229 22.29 -23.69 19.38
N LEU D 230 22.37 -22.71 18.46
CA LEU D 230 22.51 -21.30 18.76
C LEU D 230 21.36 -20.54 18.06
N VAL D 231 20.57 -19.76 18.81
CA VAL D 231 19.55 -18.89 18.17
C VAL D 231 20.13 -17.48 17.94
N GLU D 232 19.56 -16.80 16.95
CA GLU D 232 19.85 -15.41 16.66
C GLU D 232 19.42 -14.54 17.85
N THR D 233 20.26 -13.56 18.19
CA THR D 233 19.94 -12.55 19.16
C THR D 233 18.60 -11.93 18.80
N ARG D 234 17.70 -11.82 19.75
CA ARG D 234 16.36 -11.41 19.52
C ARG D 234 15.99 -10.30 20.51
N PRO D 235 15.13 -9.34 20.07
CA PRO D 235 14.70 -8.25 20.93
C PRO D 235 13.63 -8.66 21.94
N ALA D 236 13.76 -8.19 23.19
CA ALA D 236 12.79 -8.45 24.21
C ALA D 236 11.50 -7.65 23.97
N GLY D 237 11.65 -6.42 23.51
CA GLY D 237 10.52 -5.54 23.29
C GLY D 237 10.51 -4.37 24.26
N ASP D 238 11.43 -4.37 25.25
CA ASP D 238 11.56 -3.28 26.30
C ASP D 238 12.92 -2.56 26.18
N GLY D 239 13.58 -2.71 25.03
CA GLY D 239 14.91 -2.15 24.82
C GLY D 239 16.06 -3.09 25.16
N THR D 240 15.81 -4.28 25.71
CA THR D 240 16.89 -5.24 26.01
C THR D 240 16.83 -6.38 24.98
N PHE D 241 17.87 -7.22 25.01
CA PHE D 241 18.04 -8.34 24.07
C PHE D 241 18.20 -9.64 24.86
N GLN D 242 18.00 -10.76 24.14
CA GLN D 242 17.96 -12.12 24.65
C GLN D 242 18.71 -13.03 23.67
N LYS D 243 19.20 -14.15 24.20
CA LYS D 243 19.87 -15.15 23.40
C LYS D 243 20.14 -16.40 24.26
N TRP D 244 20.07 -17.57 23.62
CA TRP D 244 20.42 -18.86 24.29
C TRP D 244 21.24 -19.72 23.33
N ALA D 245 21.96 -20.65 23.96
CA ALA D 245 22.74 -21.68 23.27
C ALA D 245 22.66 -22.99 24.07
N ALA D 246 22.56 -24.07 23.31
CA ALA D 246 22.21 -25.34 23.81
C ALA D 246 23.17 -26.40 23.26
N VAL D 247 23.40 -27.40 24.11
CA VAL D 247 24.22 -28.50 23.73
C VAL D 247 23.62 -29.78 24.31
N VAL D 248 23.77 -30.90 23.58
CA VAL D 248 23.35 -32.25 24.06
C VAL D 248 24.59 -33.02 24.55
N VAL D 249 24.51 -33.55 25.79
CA VAL D 249 25.66 -34.15 26.48
C VAL D 249 25.30 -35.55 26.97
N PRO D 250 26.31 -36.44 27.08
CA PRO D 250 26.16 -37.68 27.84
C PRO D 250 25.77 -37.36 29.29
N SER D 251 24.79 -38.12 29.81
CA SER D 251 24.34 -37.94 31.20
C SER D 251 25.48 -38.39 32.11
N GLY D 252 25.64 -37.69 33.24
CA GLY D 252 26.74 -37.94 34.15
C GLY D 252 28.02 -37.24 33.70
N GLN D 253 27.98 -36.49 32.60
CA GLN D 253 29.19 -35.80 32.12
C GLN D 253 28.98 -34.28 32.04
N GLU D 254 27.87 -33.78 32.58
CA GLU D 254 27.45 -32.37 32.41
C GLU D 254 28.59 -31.42 32.81
N GLN D 255 29.34 -31.80 33.85
CA GLN D 255 30.39 -31.01 34.47
C GLN D 255 31.66 -30.90 33.60
N ARG D 256 31.77 -31.64 32.49
CA ARG D 256 32.82 -31.39 31.49
C ARG D 256 32.49 -30.14 30.61
N TYR D 257 31.24 -29.66 30.64
CA TYR D 257 30.74 -28.58 29.70
C TYR D 257 30.66 -27.22 30.40
N THR D 258 31.13 -26.16 29.71
CA THR D 258 31.11 -24.77 30.22
C THR D 258 30.54 -23.86 29.14
N CYS D 259 29.75 -22.90 29.58
CA CYS D 259 29.16 -21.93 28.72
C CYS D 259 29.81 -20.56 29.00
N HIS D 260 30.33 -19.90 27.94
CA HIS D 260 31.09 -18.69 28.06
C HIS D 260 30.30 -17.50 27.49
N VAL D 261 30.32 -16.35 28.19
CA VAL D 261 29.58 -15.17 27.81
C VAL D 261 30.53 -13.99 27.80
N GLN D 262 30.62 -13.35 26.63
CA GLN D 262 31.33 -12.13 26.41
C GLN D 262 30.35 -11.01 26.06
N HIS D 263 30.37 -9.93 26.85
CA HIS D 263 29.51 -8.77 26.62
C HIS D 263 30.15 -7.50 27.21
N GLU D 264 29.97 -6.39 26.47
CA GLU D 264 30.53 -5.05 26.77
C GLU D 264 30.23 -4.67 28.23
N GLY D 265 29.05 -5.06 28.73
CA GLY D 265 28.62 -4.72 30.08
C GLY D 265 29.31 -5.55 31.16
N LEU D 266 30.01 -6.61 30.76
CA LEU D 266 30.64 -7.55 31.69
C LEU D 266 32.08 -7.16 31.91
N PRO D 267 32.51 -6.88 33.15
CA PRO D 267 33.92 -6.59 33.44
C PRO D 267 34.89 -7.76 33.16
N LYS D 268 34.41 -9.00 33.23
CA LYS D 268 35.23 -10.17 32.85
C LYS D 268 34.29 -11.20 32.23
N PRO D 269 34.77 -12.01 31.27
CA PRO D 269 33.90 -13.01 30.65
C PRO D 269 33.39 -14.01 31.69
N LEU D 270 32.10 -14.36 31.64
CA LEU D 270 31.52 -15.34 32.56
C LEU D 270 31.79 -16.74 32.02
N THR D 271 32.04 -17.65 32.96
CA THR D 271 31.95 -19.07 32.76
C THR D 271 30.74 -19.57 33.56
N LEU D 272 29.94 -20.44 32.95
CA LEU D 272 28.82 -21.11 33.63
C LEU D 272 28.97 -22.63 33.44
N ARG D 273 28.69 -23.36 34.53
CA ARG D 273 28.68 -24.84 34.61
C ARG D 273 27.36 -25.28 35.25
N TRP D 274 26.78 -26.39 34.78
CA TRP D 274 25.52 -26.91 35.35
C TRP D 274 25.82 -27.49 36.74
N GLU D 275 25.35 -26.80 37.78
CA GLU D 275 25.45 -27.28 39.19
C GLU D 275 24.02 -27.49 39.71
N PRO D 276 23.62 -28.75 39.98
CA PRO D 276 22.23 -29.03 40.39
C PRO D 276 21.88 -28.53 41.80
N MET E 1 16.57 -10.95 -8.62
CA MET E 1 15.53 -11.16 -7.57
C MET E 1 16.03 -12.19 -6.54
N ILE E 2 16.44 -11.74 -5.38
CA ILE E 2 16.72 -12.73 -4.36
C ILE E 2 15.48 -12.93 -3.51
N GLN E 3 15.30 -14.16 -3.02
CA GLN E 3 14.28 -14.53 -2.08
C GLN E 3 14.90 -15.29 -0.90
N ARG E 4 14.58 -14.86 0.31
CA ARG E 4 15.05 -15.52 1.49
C ARG E 4 13.84 -15.86 2.37
N THR E 5 13.81 -17.06 2.91
CA THR E 5 12.71 -17.57 3.76
C THR E 5 12.91 -17.12 5.21
N PRO E 6 11.84 -16.74 5.96
CA PRO E 6 12.04 -16.21 7.31
C PRO E 6 12.52 -17.21 8.37
N LYS E 7 13.26 -16.71 9.35
CA LYS E 7 13.47 -17.39 10.59
C LYS E 7 12.45 -16.83 11.56
N ILE E 8 11.87 -17.70 12.40
CA ILE E 8 10.75 -17.37 13.30
C ILE E 8 11.13 -17.83 14.70
N GLN E 9 11.01 -16.96 15.71
CA GLN E 9 11.08 -17.35 17.16
C GLN E 9 9.85 -16.75 17.88
N VAL E 10 9.29 -17.54 18.79
CA VAL E 10 8.17 -17.21 19.62
C VAL E 10 8.65 -17.34 21.07
N TYR E 11 8.51 -16.27 21.84
CA TYR E 11 9.06 -16.21 23.14
C TYR E 11 8.35 -15.05 23.84
N SER E 12 8.49 -15.04 25.15
CA SER E 12 7.98 -14.02 26.01
C SER E 12 9.09 -13.04 26.40
N ARG E 13 8.67 -11.82 26.75
CA ARG E 13 9.57 -10.76 27.08
C ARG E 13 10.27 -11.06 28.41
N HIS E 14 9.48 -11.52 29.40
CA HIS E 14 9.98 -11.93 30.70
C HIS E 14 9.83 -13.43 30.84
N PRO E 15 10.58 -14.09 31.74
CA PRO E 15 10.31 -15.50 32.07
C PRO E 15 8.82 -15.71 32.41
N ALA E 16 8.23 -16.80 31.92
CA ALA E 16 6.79 -17.04 32.03
C ALA E 16 6.39 -17.52 33.45
N GLU E 17 5.27 -16.98 33.91
CA GLU E 17 4.63 -17.35 35.17
C GLU E 17 3.12 -17.34 34.94
N ASN E 18 2.45 -18.42 35.34
CA ASN E 18 1.02 -18.57 35.13
C ASN E 18 0.30 -17.47 35.93
N GLY E 19 -0.66 -16.79 35.28
CA GLY E 19 -1.51 -15.76 35.89
C GLY E 19 -0.86 -14.38 35.94
N LYS E 20 0.45 -14.30 35.68
CA LYS E 20 1.20 -13.07 35.70
C LYS E 20 1.22 -12.50 34.26
N SER E 21 1.01 -11.19 34.17
CA SER E 21 0.97 -10.44 32.87
C SER E 21 2.38 -10.32 32.27
N ASN E 22 2.47 -10.38 30.94
CA ASN E 22 3.74 -10.57 30.19
C ASN E 22 3.53 -10.07 28.75
N PHE E 23 4.54 -10.24 27.91
CA PHE E 23 4.41 -9.97 26.45
C PHE E 23 4.86 -11.17 25.64
N LEU E 24 4.02 -11.57 24.68
CA LEU E 24 4.29 -12.65 23.72
C LEU E 24 4.84 -12.03 22.45
N ASN E 25 5.97 -12.57 21.99
CA ASN E 25 6.80 -12.02 20.93
C ASN E 25 6.90 -13.04 19.80
N CYS E 26 6.72 -12.55 18.56
CA CYS E 26 7.11 -13.28 17.36
C CYS E 26 8.13 -12.42 16.59
N TYR E 27 9.38 -12.89 16.62
CA TYR E 27 10.47 -12.27 15.90
C TYR E 27 10.68 -13.03 14.59
N VAL E 28 10.39 -12.34 13.49
CA VAL E 28 10.66 -12.87 12.15
C VAL E 28 11.82 -12.09 11.53
N SER E 29 12.79 -12.81 10.98
CA SER E 29 14.09 -12.27 10.63
C SER E 29 14.62 -13.04 9.42
N GLY E 30 15.56 -12.49 8.67
CA GLY E 30 16.24 -13.23 7.60
C GLY E 30 15.48 -13.25 6.28
N PHE E 31 14.45 -12.41 6.07
CA PHE E 31 13.57 -12.67 4.90
C PHE E 31 13.71 -11.58 3.80
N HIS E 32 13.22 -11.94 2.62
CA HIS E 32 13.22 -11.06 1.48
C HIS E 32 12.41 -11.70 0.38
N PRO E 33 11.49 -10.98 -0.29
CA PRO E 33 11.19 -9.57 -0.13
C PRO E 33 10.45 -9.28 1.21
N SER E 34 10.05 -8.02 1.40
CA SER E 34 9.62 -7.51 2.67
C SER E 34 8.17 -7.91 3.02
N ASP E 35 7.37 -8.30 2.03
CA ASP E 35 5.95 -8.60 2.28
C ASP E 35 5.82 -9.92 3.06
N ILE E 36 5.21 -9.84 4.26
CA ILE E 36 5.11 -10.96 5.21
C ILE E 36 3.84 -10.80 6.05
N GLU E 37 3.10 -11.88 6.19
CA GLU E 37 1.96 -12.01 7.15
C GLU E 37 2.36 -12.75 8.44
N VAL E 38 2.05 -12.11 9.56
CA VAL E 38 2.35 -12.61 10.85
C VAL E 38 1.13 -12.42 11.74
N ASP E 39 0.62 -13.54 12.26
CA ASP E 39 -0.47 -13.60 13.26
C ASP E 39 0.02 -14.34 14.50
N LEU E 40 -0.38 -13.82 15.66
CA LEU E 40 -0.30 -14.50 16.91
C LEU E 40 -1.64 -15.20 17.19
N LEU E 41 -1.56 -16.49 17.53
CA LEU E 41 -2.73 -17.36 17.81
C LEU E 41 -2.78 -17.73 19.30
N LYS E 42 -4.01 -17.68 19.85
CA LYS E 42 -4.42 -18.25 21.15
C LYS E 42 -5.45 -19.35 20.92
N ASN E 43 -5.05 -20.60 21.18
CA ASN E 43 -5.91 -21.80 20.98
C ASN E 43 -6.40 -21.86 19.52
N GLY E 44 -5.48 -21.60 18.60
CA GLY E 44 -5.76 -21.69 17.16
C GLY E 44 -6.40 -20.45 16.54
N GLU E 45 -6.84 -19.46 17.34
CA GLU E 45 -7.66 -18.26 16.93
C GLU E 45 -6.78 -17.00 16.93
N ARG E 46 -6.93 -16.13 15.93
CA ARG E 46 -5.99 -15.03 15.81
C ARG E 46 -6.26 -13.98 16.91
N ILE E 47 -5.20 -13.32 17.36
CA ILE E 47 -5.30 -12.28 18.38
C ILE E 47 -5.30 -10.95 17.61
N GLU E 48 -6.25 -10.07 17.92
CA GLU E 48 -6.42 -8.77 17.22
C GLU E 48 -5.35 -7.74 17.62
N LYS E 49 -5.29 -7.43 18.92
CA LYS E 49 -4.46 -6.41 19.55
C LYS E 49 -2.99 -6.87 19.59
N VAL E 50 -2.36 -6.87 18.43
CA VAL E 50 -0.94 -7.16 18.23
C VAL E 50 -0.29 -5.92 17.61
N GLU E 51 0.90 -5.55 18.10
CA GLU E 51 1.65 -4.41 17.54
C GLU E 51 2.88 -4.97 16.83
N HIS E 52 3.47 -4.17 15.95
CA HIS E 52 4.72 -4.54 15.24
C HIS E 52 5.62 -3.31 15.15
N SER E 53 6.92 -3.59 15.28
CA SER E 53 7.98 -2.68 15.00
C SER E 53 7.93 -2.22 13.53
N ASP E 54 8.72 -1.17 13.25
CA ASP E 54 8.97 -0.62 11.93
C ASP E 54 10.03 -1.47 11.20
N LEU E 55 9.79 -1.69 9.91
CA LEU E 55 10.58 -2.61 9.09
C LEU E 55 12.01 -2.08 9.02
N SER E 56 12.96 -2.93 9.39
CA SER E 56 14.38 -2.63 9.27
C SER E 56 15.15 -3.79 8.61
N PHE E 57 16.47 -3.67 8.45
CA PHE E 57 17.14 -4.73 7.77
C PHE E 57 18.58 -4.90 8.28
N SER E 58 19.14 -6.09 8.04
CA SER E 58 20.49 -6.44 8.50
C SER E 58 21.48 -6.13 7.36
N LYS E 59 22.78 -6.31 7.66
CA LYS E 59 23.96 -6.15 6.83
C LYS E 59 23.86 -6.97 5.51
N ASP E 60 23.19 -8.12 5.51
CA ASP E 60 23.00 -8.89 4.27
C ASP E 60 21.74 -8.42 3.50
N TRP E 61 21.13 -7.30 3.95
CA TRP E 61 19.86 -6.70 3.37
C TRP E 61 18.59 -7.50 3.71
N SER E 62 18.70 -8.55 4.51
CA SER E 62 17.44 -9.32 4.87
C SER E 62 16.69 -8.51 5.94
N PHE E 63 15.36 -8.63 5.93
CA PHE E 63 14.45 -7.90 6.78
C PHE E 63 14.24 -8.57 8.14
N TYR E 64 13.81 -7.75 9.12
CA TYR E 64 13.34 -8.27 10.36
C TYR E 64 12.25 -7.36 10.96
N LEU E 65 11.35 -7.98 11.73
CA LEU E 65 10.20 -7.38 12.42
C LEU E 65 9.95 -8.14 13.75
N LEU E 66 9.45 -7.41 14.75
CA LEU E 66 8.92 -8.01 15.95
C LEU E 66 7.42 -7.68 16.02
N TYR E 67 6.60 -8.72 16.13
CA TYR E 67 5.20 -8.63 16.47
C TYR E 67 5.05 -8.99 17.95
N TYR E 68 4.25 -8.24 18.70
CA TYR E 68 4.09 -8.45 20.16
C TYR E 68 2.67 -8.06 20.61
N THR E 69 2.19 -8.73 21.64
CA THR E 69 0.85 -8.59 22.26
C THR E 69 0.97 -8.82 23.77
N GLU E 70 0.22 -8.03 24.55
CA GLU E 70 0.07 -8.25 25.98
C GLU E 70 -0.75 -9.52 26.18
N PHE E 71 -0.30 -10.38 27.08
CA PHE E 71 -1.01 -11.62 27.41
C PHE E 71 -0.70 -12.06 28.83
N THR E 72 -1.60 -12.91 29.36
CA THR E 72 -1.40 -13.66 30.61
C THR E 72 -1.36 -15.16 30.33
N PRO E 73 -0.19 -15.82 30.50
CA PRO E 73 -0.09 -17.27 30.37
C PRO E 73 -0.86 -18.02 31.46
N THR E 74 -1.51 -19.13 31.08
CA THR E 74 -2.22 -20.02 32.01
C THR E 74 -1.81 -21.49 31.75
N GLU E 75 -2.50 -22.41 32.40
CA GLU E 75 -2.34 -23.87 32.27
C GLU E 75 -2.74 -24.31 30.84
N LYS E 76 -4.01 -24.04 30.48
CA LYS E 76 -4.69 -24.77 29.39
C LYS E 76 -4.41 -24.07 28.03
N ASP E 77 -3.97 -22.81 28.04
CA ASP E 77 -3.95 -22.00 26.83
C ASP E 77 -2.66 -22.23 26.02
N GLU E 78 -2.82 -22.48 24.72
CA GLU E 78 -1.69 -22.58 23.78
C GLU E 78 -1.59 -21.30 22.92
N TYR E 79 -0.34 -20.85 22.74
CA TYR E 79 0.04 -19.68 21.96
C TYR E 79 1.03 -20.12 20.89
N ALA E 80 0.82 -19.59 19.69
CA ALA E 80 1.67 -19.86 18.56
C ALA E 80 1.79 -18.58 17.71
N CYS E 81 2.64 -18.68 16.67
CA CYS E 81 2.86 -17.69 15.67
C CYS E 81 2.61 -18.39 14.32
N ARG E 82 1.75 -17.79 13.48
CA ARG E 82 1.56 -18.21 12.09
C ARG E 82 2.21 -17.14 11.17
N VAL E 83 3.03 -17.59 10.19
CA VAL E 83 3.81 -16.72 9.26
C VAL E 83 3.55 -17.18 7.82
N ASN E 84 3.24 -16.21 6.94
CA ASN E 84 3.16 -16.52 5.53
C ASN E 84 4.12 -15.57 4.78
N HIS E 85 4.61 -16.07 3.64
CA HIS E 85 5.66 -15.43 2.85
C HIS E 85 5.67 -16.11 1.51
N VAL E 86 6.22 -15.46 0.48
CA VAL E 86 6.19 -16.01 -0.90
C VAL E 86 7.03 -17.30 -1.00
N THR E 87 7.98 -17.49 -0.06
CA THR E 87 8.93 -18.62 -0.02
C THR E 87 8.34 -19.85 0.66
N LEU E 88 7.17 -19.76 1.31
CA LEU E 88 6.54 -20.91 1.95
C LEU E 88 5.41 -21.46 1.08
N SER E 89 5.37 -22.80 0.94
CA SER E 89 4.27 -23.58 0.28
C SER E 89 2.93 -23.32 0.97
N GLN E 90 2.97 -23.08 2.29
CA GLN E 90 1.79 -22.85 3.07
C GLN E 90 2.17 -22.33 4.45
N PRO E 91 1.26 -21.61 5.13
CA PRO E 91 1.60 -20.96 6.39
C PRO E 91 2.31 -21.88 7.40
N LYS E 92 3.38 -21.36 7.99
CA LYS E 92 4.14 -22.06 8.97
C LYS E 92 3.66 -21.65 10.36
N ILE E 93 3.33 -22.64 11.19
CA ILE E 93 2.93 -22.39 12.58
C ILE E 93 4.02 -22.91 13.51
N VAL E 94 4.49 -22.04 14.42
CA VAL E 94 5.51 -22.33 15.41
C VAL E 94 4.89 -22.15 16.82
N LYS E 95 4.89 -23.22 17.63
CA LYS E 95 4.25 -23.15 18.95
C LYS E 95 5.19 -22.43 19.91
N TRP E 96 4.61 -21.68 20.86
CA TRP E 96 5.35 -21.08 21.97
C TRP E 96 5.78 -22.15 22.98
N ASP E 97 7.08 -22.36 23.18
CA ASP E 97 7.68 -23.16 24.33
C ASP E 97 8.26 -22.20 25.38
N ARG E 98 7.86 -22.30 26.65
CA ARG E 98 8.20 -21.32 27.73
C ARG E 98 9.71 -21.32 28.09
N ASP E 99 10.43 -22.42 27.81
CA ASP E 99 11.92 -22.43 27.97
C ASP E 99 12.62 -22.46 26.60
N MET E 100 12.13 -21.66 25.64
CA MET E 100 12.87 -21.45 24.36
C MET E 100 12.69 -20.00 23.81
N LEU F 1 20.23 13.31 12.67
CA LEU F 1 19.89 14.31 11.57
C LEU F 1 20.20 13.71 10.19
N LEU F 2 19.21 13.76 9.29
CA LEU F 2 19.37 13.26 7.95
C LEU F 2 20.35 14.09 7.11
N TRP F 3 20.86 13.37 6.09
CA TRP F 3 21.62 13.86 4.94
C TRP F 3 20.69 14.74 4.08
N ASN F 4 21.20 15.87 3.57
CA ASN F 4 20.40 16.83 2.75
C ASN F 4 20.40 16.49 1.25
N GLY F 5 21.26 15.56 0.80
CA GLY F 5 21.63 15.53 -0.60
C GLY F 5 21.56 14.17 -1.30
N PRO F 6 20.50 13.35 -1.17
CA PRO F 6 20.41 12.14 -1.98
C PRO F 6 20.08 12.56 -3.41
N ILE F 7 20.71 11.94 -4.40
CA ILE F 7 20.34 12.19 -5.81
C ILE F 7 20.03 10.85 -6.50
N ALA F 8 19.19 10.93 -7.53
CA ALA F 8 18.68 9.75 -8.24
C ALA F 8 19.81 8.92 -8.88
N VAL F 9 19.54 7.63 -9.05
CA VAL F 9 20.44 6.64 -9.68
C VAL F 9 20.37 6.77 -11.22
C1 GOL G . -0.65 5.35 11.85
O1 GOL G . -0.07 5.42 13.15
C2 GOL G . -1.98 4.53 11.83
O2 GOL G . -1.79 3.08 11.74
C3 GOL G . -2.92 4.98 10.70
O3 GOL G . -4.31 4.90 11.14
C1 EDO H . -38.01 -5.47 0.65
O1 EDO H . -36.98 -5.49 -0.36
C2 EDO H . -37.70 -6.40 1.83
O2 EDO H . -37.03 -5.69 2.88
S SO4 I . -15.02 12.91 3.78
O1 SO4 I . -14.89 12.15 5.05
O2 SO4 I . -14.17 12.24 2.75
O3 SO4 I . -16.43 12.98 3.28
O4 SO4 I . -14.61 14.33 4.05
S SO4 J . -17.67 16.67 -1.20
O1 SO4 J . -17.63 15.83 -2.45
O2 SO4 J . -16.93 16.00 -0.11
O3 SO4 J . -19.07 16.97 -0.83
O4 SO4 J . -17.03 18.00 -1.40
S SO4 K . -10.96 17.48 16.16
O1 SO4 K . -9.97 18.27 16.94
O2 SO4 K . -10.25 16.86 15.01
O3 SO4 K . -12.08 18.35 15.72
O4 SO4 K . -11.49 16.40 17.02
C1 GOL L . -6.21 18.98 -21.67
O1 GOL L . -7.14 20.10 -21.66
C2 GOL L . -6.97 17.64 -21.53
O2 GOL L . -6.98 17.34 -20.15
C3 GOL L . -6.37 16.45 -22.32
O3 GOL L . -7.19 15.25 -22.23
C1 GOL M . -5.78 29.64 -15.54
O1 GOL M . -7.14 30.01 -15.19
C2 GOL M . -5.00 28.93 -14.41
O2 GOL M . -3.72 28.46 -14.88
C3 GOL M . -4.83 29.83 -13.16
O3 GOL M . -3.85 29.41 -12.17
S SO4 N . -19.12 32.24 -10.08
O1 SO4 N . -19.72 30.91 -10.39
O2 SO4 N . -17.76 32.15 -9.48
O3 SO4 N . -18.98 33.01 -11.35
O4 SO4 N . -20.01 33.01 -9.13
S SO4 O . -15.12 17.69 -26.64
O1 SO4 O . -15.20 18.11 -28.07
O2 SO4 O . -14.68 16.28 -26.56
O3 SO4 O . -14.18 18.50 -25.83
O4 SO4 O . -16.50 17.84 -26.10
S SO4 P . -27.08 19.92 -23.30
O1 SO4 P . -26.19 18.77 -23.03
O2 SO4 P . -26.29 21.03 -23.85
O3 SO4 P . -28.16 19.49 -24.22
O4 SO4 P . -27.69 20.38 -22.01
C1 PEG Q . -17.78 6.31 -15.79
O1 PEG Q . -16.73 7.25 -16.06
C2 PEG Q . -19.05 7.02 -15.29
O2 PEG Q . -18.80 8.42 -15.08
C3 PEG Q . -19.98 9.21 -14.88
C4 PEG Q . -19.67 10.37 -13.94
O4 PEG Q . -20.65 11.40 -14.15
C1 GOL R . 0.78 1.35 -10.53
O1 GOL R . 1.62 0.92 -11.63
C2 GOL R . -0.40 2.23 -10.98
O2 GOL R . 0.12 3.44 -11.51
C3 GOL R . -1.20 1.60 -12.09
O3 GOL R . -2.39 1.03 -11.56
C1 GOL S . 31.01 11.26 -16.15
O1 GOL S . 31.65 10.46 -15.13
C2 GOL S . 29.80 10.54 -16.79
O2 GOL S . 30.23 9.83 -17.95
C3 GOL S . 28.62 11.44 -17.16
O3 GOL S . 27.39 10.83 -16.66
C1 GOL T . 13.52 -31.87 34.33
O1 GOL T . 14.38 -32.59 33.42
C2 GOL T . 12.50 -31.00 33.60
O2 GOL T . 11.50 -30.42 34.47
C3 GOL T . 11.75 -31.83 32.57
O3 GOL T . 12.07 -31.36 31.27
C1 GOL U . 3.64 -3.88 -0.28
O1 GOL U . 3.60 -2.78 -1.19
C2 GOL U . 4.32 -3.38 0.99
O2 GOL U . 3.37 -2.56 1.68
C3 GOL U . 4.82 -4.57 1.84
O3 GOL U . 6.24 -4.51 2.08
S SO4 V . 19.74 20.50 6.76
O1 SO4 V . 20.76 19.42 6.86
O2 SO4 V . 18.94 20.36 5.51
O3 SO4 V . 20.42 21.81 6.71
O4 SO4 V . 18.83 20.46 7.93
C1 PEG W . 10.42 -1.57 -10.48
O1 PEG W . 11.73 -1.19 -9.94
C2 PEG W . 9.15 -0.91 -9.93
O2 PEG W . 8.82 0.42 -10.48
C3 PEG W . 7.50 0.97 -10.22
C4 PEG W . 7.55 2.37 -9.61
O4 PEG W . 6.80 2.54 -8.37
C8 P4G X . 16.67 -9.41 -13.51
C7 P4G X . 15.32 -8.96 -14.02
O4 P4G X . 14.69 -9.98 -14.81
C6 P4G X . 13.71 -9.57 -15.79
C5 P4G X . 12.31 -10.14 -15.47
O3 P4G X . 11.39 -9.13 -15.03
C4 P4G X . 10.02 -9.36 -15.38
C3 P4G X . 9.47 -10.66 -14.79
O2 P4G X . 8.12 -10.87 -15.22
C2 P4G X . 8.04 -11.17 -16.61
C1 P4G X . 6.67 -11.70 -16.91
C1 GOL Y . 21.67 -18.85 3.44
O1 GOL Y . 22.29 -17.58 3.37
C2 GOL Y . 20.28 -18.46 3.06
O2 GOL Y . 19.46 -19.60 2.78
C3 GOL Y . 19.66 -17.64 4.19
O3 GOL Y . 18.85 -16.53 3.72
C1 GOL Z . 12.66 -16.18 28.73
O1 GOL Z . 12.23 -15.23 29.72
C2 GOL Z . 11.66 -16.26 27.59
O2 GOL Z . 12.28 -15.60 26.54
C3 GOL Z . 11.26 -17.70 27.18
O3 GOL Z . 10.07 -17.76 26.34
S SO4 AA . -8.23 -10.14 20.84
O1 SO4 AA . -7.07 -9.24 21.05
O2 SO4 AA . -8.14 -10.88 19.57
O3 SO4 AA . -9.48 -9.31 20.81
O4 SO4 AA . -8.23 -11.11 21.96
S SO4 BA . 23.55 -7.56 11.40
O1 SO4 BA . 23.43 -8.76 10.53
O2 SO4 BA . 24.98 -7.17 11.47
O3 SO4 BA . 23.00 -7.90 12.74
O4 SO4 BA . 22.76 -6.43 10.84
S SO4 CA . 7.56 -4.07 31.10
O1 SO4 CA . 7.49 -5.25 30.22
O2 SO4 CA . 8.24 -4.44 32.36
O3 SO4 CA . 6.18 -3.58 31.40
O4 SO4 CA . 8.36 -3.03 30.42
S SO4 DA . 2.14 -3.71 7.75
O1 SO4 DA . 2.81 -4.86 7.08
O2 SO4 DA . 3.14 -2.66 8.04
O3 SO4 DA . 1.09 -3.19 6.85
O4 SO4 DA . 1.52 -4.12 9.03
#